data_2WFV
# 
_entry.id   2WFV 
# 
_audit_conform.dict_name       mmcif_pdbx.dic 
_audit_conform.dict_version    5.397 
_audit_conform.dict_location   http://mmcif.pdb.org/dictionaries/ascii/mmcif_pdbx.dic 
# 
loop_
_database_2.database_id 
_database_2.database_code 
_database_2.pdbx_database_accession 
_database_2.pdbx_DOI 
PDB   2WFV         pdb_00002wfv 10.2210/pdb2wfv/pdb 
PDBE  EBI-39470    ?            ?                   
WWPDB D_1290039470 ?            ?                   
# 
loop_
_pdbx_audit_revision_history.ordinal 
_pdbx_audit_revision_history.data_content_type 
_pdbx_audit_revision_history.major_revision 
_pdbx_audit_revision_history.minor_revision 
_pdbx_audit_revision_history.revision_date 
1 'Structure model' 1 0 2010-05-26 
2 'Structure model' 1 1 2011-07-13 
3 'Structure model' 1 2 2012-04-18 
4 'Structure model' 1 3 2024-10-16 
# 
_pdbx_audit_revision_details.ordinal             1 
_pdbx_audit_revision_details.revision_ordinal    1 
_pdbx_audit_revision_details.data_content_type   'Structure model' 
_pdbx_audit_revision_details.provider            repository 
_pdbx_audit_revision_details.type                'Initial release' 
_pdbx_audit_revision_details.description         ? 
_pdbx_audit_revision_details.details             ? 
# 
loop_
_pdbx_audit_revision_group.ordinal 
_pdbx_audit_revision_group.revision_ordinal 
_pdbx_audit_revision_group.data_content_type 
_pdbx_audit_revision_group.group 
1 2 'Structure model' Advisory                    
2 2 'Structure model' 'Version format compliance' 
3 3 'Structure model' Other                       
4 4 'Structure model' 'Data collection'           
5 4 'Structure model' 'Database references'       
6 4 'Structure model' Other                       
7 4 'Structure model' 'Structure summary'         
# 
loop_
_pdbx_audit_revision_category.ordinal 
_pdbx_audit_revision_category.revision_ordinal 
_pdbx_audit_revision_category.data_content_type 
_pdbx_audit_revision_category.category 
1 4 'Structure model' chem_comp_atom            
2 4 'Structure model' chem_comp_bond            
3 4 'Structure model' database_2                
4 4 'Structure model' pdbx_database_status      
5 4 'Structure model' pdbx_entry_details        
6 4 'Structure model' pdbx_modification_feature 
# 
loop_
_pdbx_audit_revision_item.ordinal 
_pdbx_audit_revision_item.revision_ordinal 
_pdbx_audit_revision_item.data_content_type 
_pdbx_audit_revision_item.item 
1 4 'Structure model' '_database_2.pdbx_DOI'                         
2 4 'Structure model' '_database_2.pdbx_database_accession'          
3 4 'Structure model' '_pdbx_database_status.status_code_sf'         
4 4 'Structure model' '_pdbx_entry_details.has_protein_modification' 
# 
_pdbx_database_status.status_code                     REL 
_pdbx_database_status.entry_id                        2WFV 
_pdbx_database_status.deposit_site                    PDBE 
_pdbx_database_status.process_site                    PDBE 
_pdbx_database_status.SG_entry                        . 
_pdbx_database_status.recvd_initial_deposition_date   2009-04-15 
_pdbx_database_status.pdb_format_compatible           Y 
_pdbx_database_status.status_code_sf                  REL 
_pdbx_database_status.status_code_mr                  ? 
_pdbx_database_status.status_code_cs                  ? 
_pdbx_database_status.methods_development_category    ? 
_pdbx_database_status.status_code_nmr_data            ? 
# 
_pdbx_database_related.db_name        PDB 
_pdbx_database_related.db_id          2WFU 
_pdbx_database_related.content_type   unspecified 
_pdbx_database_related.details        'CRYSTAL STRUCTURE OF DILP5 VARIANT DB' 
# 
loop_
_audit_author.name 
_audit_author.pdbx_ordinal 
'Kulahin, N.'      1 
'Schluckebier, G.' 2 
'Sajid, W.'        3 
'De Meyts, P.'     4 
# 
_citation.id                        primary 
_citation.title                     
'Structural and Biological Properties of the Drosophila Insulin-Like Peptide 5 Show Evolutionary Conservation.' 
_citation.journal_abbrev            J.Biol.Chem. 
_citation.journal_volume            286 
_citation.page_first                661 
_citation.page_last                 ? 
_citation.year                      2011 
_citation.journal_id_ASTM           JBCHA3 
_citation.country                   US 
_citation.journal_id_ISSN           0021-9258 
_citation.journal_id_CSD            0071 
_citation.book_publisher            ? 
_citation.pdbx_database_id_PubMed   20974844 
_citation.pdbx_database_id_DOI      10.1074/JBC.M110.156018 
# 
loop_
_citation_author.citation_id 
_citation_author.name 
_citation_author.ordinal 
_citation_author.identifier_ORCID 
primary 'Sajid, W.'        1  ? 
primary 'Kulahin, N.'      2  ? 
primary 'Schluckebier, G.' 3  ? 
primary 'Ribel, U.'        4  ? 
primary 'Henderson, H.R.'  5  ? 
primary 'Tatar, M.'        6  ? 
primary 'Hansen, B.F.'     7  ? 
primary 'Svendsen, A.M.'   8  ? 
primary 'Kiselyov, V.V.'   9  ? 
primary 'Norgaard, P.'     10 ? 
primary 'Wahlund, P.'      11 ? 
primary 'Brandt, J.'       12 ? 
primary 'Kohanski, R.A.'   13 ? 
primary 'Andersen, A.S.'   14 ? 
primary 'De Meyts, P.'     15 ? 
# 
loop_
_entity.id 
_entity.type 
_entity.src_method 
_entity.pdbx_description 
_entity.formula_weight 
_entity.pdbx_number_of_molecules 
_entity.pdbx_ec 
_entity.pdbx_mutation 
_entity.pdbx_fragment 
_entity.details 
1 polymer man 'PROBABLE INSULIN-LIKE PEPTIDE 5 A CHAIN' 2795.097 1  ? YES 'RESIDUES 84-108' ? 
2 polymer man 'PROBABLE INSULIN-LIKE PEPTIDE 5 B CHAIN' 2452.898 1  ? ?   'RESIDUES 24-46'  ? 
3 water   nat water                                     18.015   23 ? ?   ?                 ? 
# 
loop_
_entity_name_com.entity_id 
_entity_name_com.name 
1 'INSULIN-RELATED PEPTIDE, DILP5, DROSOPHILA INSULIN-LIKE PEPTIDE 5' 
2 'INSULIN-RELATED PEPTIDE, DILP5, DROSOPHILA INSULIN-LIKE PEPTIDE 5' 
# 
loop_
_entity_poly.entity_id 
_entity_poly.type 
_entity_poly.nstd_linkage 
_entity_poly.nstd_monomer 
_entity_poly.pdbx_seq_one_letter_code 
_entity_poly.pdbx_seq_one_letter_code_can 
_entity_poly.pdbx_strand_id 
_entity_poly.pdbx_target_identifier 
1 'polypeptide(L)' no no DFRGVVDSCCRNSCSFSTLRAYCDS DFRGVVDSCCRNSCSFSTLRAYCDS A ? 
2 'polypeptide(L)' no no NSLRACGPALMDMLRVACPNGFN   NSLRACGPALMDMLRVACPNGFN   B ? 
# 
_pdbx_entity_nonpoly.entity_id   3 
_pdbx_entity_nonpoly.name        water 
_pdbx_entity_nonpoly.comp_id     HOH 
# 
loop_
_entity_poly_seq.entity_id 
_entity_poly_seq.num 
_entity_poly_seq.mon_id 
_entity_poly_seq.hetero 
1 1  ASP n 
1 2  PHE n 
1 3  ARG n 
1 4  GLY n 
1 5  VAL n 
1 6  VAL n 
1 7  ASP n 
1 8  SER n 
1 9  CYS n 
1 10 CYS n 
1 11 ARG n 
1 12 ASN n 
1 13 SER n 
1 14 CYS n 
1 15 SER n 
1 16 PHE n 
1 17 SER n 
1 18 THR n 
1 19 LEU n 
1 20 ARG n 
1 21 ALA n 
1 22 TYR n 
1 23 CYS n 
1 24 ASP n 
1 25 SER n 
2 1  ASN n 
2 2  SER n 
2 3  LEU n 
2 4  ARG n 
2 5  ALA n 
2 6  CYS n 
2 7  GLY n 
2 8  PRO n 
2 9  ALA n 
2 10 LEU n 
2 11 MET n 
2 12 ASP n 
2 13 MET n 
2 14 LEU n 
2 15 ARG n 
2 16 VAL n 
2 17 ALA n 
2 18 CYS n 
2 19 PRO n 
2 20 ASN n 
2 21 GLY n 
2 22 PHE n 
2 23 ASN n 
# 
loop_
_entity_src_gen.entity_id 
_entity_src_gen.pdbx_src_id 
_entity_src_gen.pdbx_alt_source_flag 
_entity_src_gen.pdbx_seq_type 
_entity_src_gen.pdbx_beg_seq_num 
_entity_src_gen.pdbx_end_seq_num 
_entity_src_gen.gene_src_common_name 
_entity_src_gen.gene_src_genus 
_entity_src_gen.pdbx_gene_src_gene 
_entity_src_gen.gene_src_species 
_entity_src_gen.gene_src_strain 
_entity_src_gen.gene_src_tissue 
_entity_src_gen.gene_src_tissue_fraction 
_entity_src_gen.gene_src_details 
_entity_src_gen.pdbx_gene_src_fragment 
_entity_src_gen.pdbx_gene_src_scientific_name 
_entity_src_gen.pdbx_gene_src_ncbi_taxonomy_id 
_entity_src_gen.pdbx_gene_src_variant 
_entity_src_gen.pdbx_gene_src_cell_line 
_entity_src_gen.pdbx_gene_src_atcc 
_entity_src_gen.pdbx_gene_src_organ 
_entity_src_gen.pdbx_gene_src_organelle 
_entity_src_gen.pdbx_gene_src_cell 
_entity_src_gen.pdbx_gene_src_cellular_location 
_entity_src_gen.host_org_common_name 
_entity_src_gen.pdbx_host_org_scientific_name 
_entity_src_gen.pdbx_host_org_ncbi_taxonomy_id 
_entity_src_gen.host_org_genus 
_entity_src_gen.pdbx_host_org_gene 
_entity_src_gen.pdbx_host_org_organ 
_entity_src_gen.host_org_species 
_entity_src_gen.pdbx_host_org_tissue 
_entity_src_gen.pdbx_host_org_tissue_fraction 
_entity_src_gen.pdbx_host_org_strain 
_entity_src_gen.pdbx_host_org_variant 
_entity_src_gen.pdbx_host_org_cell_line 
_entity_src_gen.pdbx_host_org_atcc 
_entity_src_gen.pdbx_host_org_culture_collection 
_entity_src_gen.pdbx_host_org_cell 
_entity_src_gen.pdbx_host_org_organelle 
_entity_src_gen.pdbx_host_org_cellular_location 
_entity_src_gen.pdbx_host_org_vector_type 
_entity_src_gen.pdbx_host_org_vector 
_entity_src_gen.host_org_details 
_entity_src_gen.expression_system_id 
_entity_src_gen.plasmid_name 
_entity_src_gen.plasmid_details 
_entity_src_gen.pdbx_description 
1 1 sample ? ? ? 'FRUIT FLY' ? ? ? ? ? ? ? ? 'DROSOPHILA MELANOGASTER' 7227 ? ? ? ? ? ? ? ? 'SACCHAROMYCES CEREVISIAE' 4932 ? ? ? 
? ? ? ? ? ? ? ? ? ? ? ? ? ? ? ? ? ? 
2 1 sample ? ? ? 'FRUIT FLY' ? ? ? ? ? ? ? ? 'DROSOPHILA MELANOGASTER' 7227 ? ? ? ? ? ? ? ? 'SACCHAROMYCES CEREVISIAE' 4932 ? ? ? 
? ? ? ? ? ? ? ? ? ? ? ? ? ? ? ? ? ? 
# 
loop_
_chem_comp.id 
_chem_comp.type 
_chem_comp.mon_nstd_flag 
_chem_comp.name 
_chem_comp.pdbx_synonyms 
_chem_comp.formula 
_chem_comp.formula_weight 
ALA 'L-peptide linking' y ALANINE         ? 'C3 H7 N O2'     89.093  
ARG 'L-peptide linking' y ARGININE        ? 'C6 H15 N4 O2 1' 175.209 
ASN 'L-peptide linking' y ASPARAGINE      ? 'C4 H8 N2 O3'    132.118 
ASP 'L-peptide linking' y 'ASPARTIC ACID' ? 'C4 H7 N O4'     133.103 
CYS 'L-peptide linking' y CYSTEINE        ? 'C3 H7 N O2 S'   121.158 
GLY 'peptide linking'   y GLYCINE         ? 'C2 H5 N O2'     75.067  
HOH non-polymer         . WATER           ? 'H2 O'           18.015  
LEU 'L-peptide linking' y LEUCINE         ? 'C6 H13 N O2'    131.173 
LYS 'L-peptide linking' y LYSINE          ? 'C6 H15 N2 O2 1' 147.195 
MET 'L-peptide linking' y METHIONINE      ? 'C5 H11 N O2 S'  149.211 
PHE 'L-peptide linking' y PHENYLALANINE   ? 'C9 H11 N O2'    165.189 
PRO 'L-peptide linking' y PROLINE         ? 'C5 H9 N O2'     115.130 
SER 'L-peptide linking' y SERINE          ? 'C3 H7 N O3'     105.093 
THR 'L-peptide linking' y THREONINE       ? 'C4 H9 N O3'     119.119 
TYR 'L-peptide linking' y TYROSINE        ? 'C9 H11 N O3'    181.189 
VAL 'L-peptide linking' y VALINE          ? 'C5 H11 N O2'    117.146 
# 
loop_
_pdbx_poly_seq_scheme.asym_id 
_pdbx_poly_seq_scheme.entity_id 
_pdbx_poly_seq_scheme.seq_id 
_pdbx_poly_seq_scheme.mon_id 
_pdbx_poly_seq_scheme.ndb_seq_num 
_pdbx_poly_seq_scheme.pdb_seq_num 
_pdbx_poly_seq_scheme.auth_seq_num 
_pdbx_poly_seq_scheme.pdb_mon_id 
_pdbx_poly_seq_scheme.auth_mon_id 
_pdbx_poly_seq_scheme.pdb_strand_id 
_pdbx_poly_seq_scheme.pdb_ins_code 
_pdbx_poly_seq_scheme.hetero 
A 1 1  ASP 1  1  ?  ?   ?   A . n 
A 1 2  PHE 2  2  ?  ?   ?   A . n 
A 1 3  ARG 3  3  3  ARG ARG A . n 
A 1 4  GLY 4  4  4  GLY GLY A . n 
A 1 5  VAL 5  5  5  VAL VAL A . n 
A 1 6  VAL 6  6  6  VAL VAL A . n 
A 1 7  ASP 7  7  7  ASP ASP A . n 
A 1 8  SER 8  8  8  SER SER A . n 
A 1 9  CYS 9  9  9  CYS CYS A . n 
A 1 10 CYS 10 10 10 CYS CYS A . n 
A 1 11 ARG 11 11 11 ARG ARG A . n 
A 1 12 ASN 12 12 12 ASN ASN A . n 
A 1 13 SER 13 13 13 SER SER A . n 
A 1 14 CYS 14 14 14 CYS CYS A . n 
A 1 15 SER 15 15 15 SER SER A . n 
A 1 16 PHE 16 16 16 PHE PHE A . n 
A 1 17 SER 17 17 17 SER SER A . n 
A 1 18 THR 18 18 18 THR THR A . n 
A 1 19 LEU 19 19 19 LEU LEU A . n 
A 1 20 ARG 20 20 20 ARG ARG A . n 
A 1 21 ALA 21 21 21 ALA ALA A . n 
A 1 22 TYR 22 22 22 TYR TYR A . n 
A 1 23 CYS 23 23 23 CYS CYS A . n 
A 1 24 ASP 24 24 24 ASP ASP A . n 
A 1 25 SER 25 25 25 SER SER A . n 
B 2 1  ASN 1  1  1  ASN ASN B . n 
B 2 2  SER 2  2  2  SER SER B . n 
B 2 3  LEU 3  3  3  LEU LEU B . n 
B 2 4  ARG 4  4  4  ARG ARG B . n 
B 2 5  ALA 5  5  5  ALA ALA B . n 
B 2 6  CYS 6  6  6  CYS CYS B . n 
B 2 7  GLY 7  7  7  GLY GLY B . n 
B 2 8  PRO 8  8  8  PRO PRO B . n 
B 2 9  ALA 9  9  9  ALA ALA B . n 
B 2 10 LEU 10 10 10 LEU LEU B . n 
B 2 11 MET 11 11 11 MET MET B . n 
B 2 12 ASP 12 12 12 ASP ASP B . n 
B 2 13 MET 13 13 13 MET MET B . n 
B 2 14 LEU 14 14 14 LEU LEU B . n 
B 2 15 ARG 15 15 15 ARG ARG B . n 
B 2 16 VAL 16 16 16 VAL VAL B . n 
B 2 17 ALA 17 17 17 ALA ALA B . n 
B 2 18 CYS 18 18 18 CYS CYS B . n 
B 2 19 PRO 19 19 19 PRO PRO B . n 
B 2 20 ASN 20 20 20 ASN ASN B . n 
B 2 21 GLY 21 21 21 GLY GLY B . n 
B 2 22 PHE 22 22 22 PHE PHE B . n 
B 2 23 ASN 23 23 23 ASN ASN B . n 
# 
loop_
_pdbx_nonpoly_scheme.asym_id 
_pdbx_nonpoly_scheme.entity_id 
_pdbx_nonpoly_scheme.mon_id 
_pdbx_nonpoly_scheme.ndb_seq_num 
_pdbx_nonpoly_scheme.pdb_seq_num 
_pdbx_nonpoly_scheme.auth_seq_num 
_pdbx_nonpoly_scheme.pdb_mon_id 
_pdbx_nonpoly_scheme.auth_mon_id 
_pdbx_nonpoly_scheme.pdb_strand_id 
_pdbx_nonpoly_scheme.pdb_ins_code 
C 3 HOH 1  2001 2001 HOH HOH A . 
C 3 HOH 2  2002 2002 HOH HOH A . 
C 3 HOH 3  2003 2003 HOH HOH A . 
C 3 HOH 4  2004 2004 HOH HOH A . 
C 3 HOH 5  2005 2005 HOH HOH A . 
C 3 HOH 6  2006 2006 HOH HOH A . 
C 3 HOH 7  2007 2007 HOH HOH A . 
C 3 HOH 8  2008 2008 HOH HOH A . 
C 3 HOH 9  2009 2009 HOH HOH A . 
C 3 HOH 10 2010 2010 HOH HOH A . 
C 3 HOH 11 2011 2011 HOH HOH A . 
D 3 HOH 1  2001 2001 HOH HOH B . 
D 3 HOH 2  2002 2002 HOH HOH B . 
D 3 HOH 3  2003 2003 HOH HOH B . 
D 3 HOH 4  2004 2004 HOH HOH B . 
D 3 HOH 5  2005 2005 HOH HOH B . 
D 3 HOH 6  2006 2006 HOH HOH B . 
D 3 HOH 7  2007 2007 HOH HOH B . 
D 3 HOH 8  2008 2008 HOH HOH B . 
D 3 HOH 9  2009 2009 HOH HOH B . 
D 3 HOH 10 2010 2010 HOH HOH B . 
D 3 HOH 11 2011 2011 HOH HOH B . 
D 3 HOH 12 2012 2012 HOH HOH B . 
# 
loop_
_software.name 
_software.classification 
_software.version 
_software.citation_id 
_software.pdbx_ordinal 
REFMAC   refinement       5.2.0019 ? 1 
HKL-2000 'data reduction' .        ? 2 
HKL-2000 'data scaling'   .        ? 3 
SHARP    phasing          .        ? 4 
# 
_cell.entry_id           2WFV 
_cell.length_a           40.445 
_cell.length_b           40.445 
_cell.length_c           45.241 
_cell.angle_alpha        90.00 
_cell.angle_beta         90.00 
_cell.angle_gamma        90.00 
_cell.Z_PDB              8 
_cell.pdbx_unique_axis   ? 
# 
_symmetry.entry_id                         2WFV 
_symmetry.space_group_name_H-M             'P 43 21 2' 
_symmetry.pdbx_full_space_group_name_H-M   ? 
_symmetry.cell_setting                     ? 
_symmetry.Int_Tables_number                96 
# 
_exptl.entry_id          2WFV 
_exptl.method            'X-RAY DIFFRACTION' 
_exptl.crystals_number   1 
# 
_exptl_crystal.id                    1 
_exptl_crystal.density_meas          ? 
_exptl_crystal.density_Matthews      1.59 
_exptl_crystal.density_percent_sol   23 
_exptl_crystal.description           NONE 
# 
_exptl_crystal_grow.crystal_id      1 
_exptl_crystal_grow.method          ? 
_exptl_crystal_grow.temp            ? 
_exptl_crystal_grow.temp_details    ? 
_exptl_crystal_grow.pH              ? 
_exptl_crystal_grow.pdbx_pH_range   ? 
_exptl_crystal_grow.pdbx_details    '20% PEG4000' 
# 
_diffrn.id                     1 
_diffrn.ambient_temp           100 
_diffrn.ambient_temp_details   ? 
_diffrn.crystal_id             1 
# 
_diffrn_detector.diffrn_id              1 
_diffrn_detector.detector               CCD 
_diffrn_detector.type                   MARRESEARCH 
_diffrn_detector.pdbx_collection_date   ? 
_diffrn_detector.details                'OSMIC MIRRORS' 
# 
_diffrn_radiation.diffrn_id                        1 
_diffrn_radiation.wavelength_id                    1 
_diffrn_radiation.pdbx_monochromatic_or_laue_m_l   M 
_diffrn_radiation.monochromator                    ? 
_diffrn_radiation.pdbx_diffrn_protocol             'SINGLE WAVELENGTH' 
_diffrn_radiation.pdbx_scattering_type             x-ray 
# 
_diffrn_radiation_wavelength.id           1 
_diffrn_radiation_wavelength.wavelength   1.5418 
_diffrn_radiation_wavelength.wt           1.0 
# 
_diffrn_source.diffrn_id                   1 
_diffrn_source.source                      'ROTATING ANODE' 
_diffrn_source.type                        'RIGAKU MICROMAX-007' 
_diffrn_source.pdbx_synchrotron_site       ? 
_diffrn_source.pdbx_synchrotron_beamline   ? 
_diffrn_source.pdbx_wavelength             1.5418 
_diffrn_source.pdbx_wavelength_list        ? 
# 
_reflns.pdbx_diffrn_id               1 
_reflns.pdbx_ordinal                 1 
_reflns.entry_id                     2WFV 
_reflns.observed_criterion_sigma_I   0.0 
_reflns.observed_criterion_sigma_F   ? 
_reflns.d_resolution_low             24.18 
_reflns.d_resolution_high            1.85 
_reflns.number_obs                   3164 
_reflns.number_all                   ? 
_reflns.percent_possible_obs         100.0 
_reflns.pdbx_Rmerge_I_obs            0.04 
_reflns.pdbx_Rsym_value              ? 
_reflns.pdbx_netI_over_sigmaI        56.00 
_reflns.B_iso_Wilson_estimate        ? 
_reflns.pdbx_redundancy              12.8 
# 
_reflns_shell.pdbx_diffrn_id         1 
_reflns_shell.pdbx_ordinal           1 
_reflns_shell.d_res_high             1.85 
_reflns_shell.d_res_low              1.90 
_reflns_shell.percent_possible_all   99.6 
_reflns_shell.Rmerge_I_obs           0.44 
_reflns_shell.pdbx_Rsym_value        ? 
_reflns_shell.meanI_over_sigI_obs    4.54 
_reflns_shell.pdbx_redundancy        10.3 
# 
_refine.pdbx_refine_id                           'X-RAY DIFFRACTION' 
_refine.entry_id                                 2WFV 
_refine.pdbx_diffrn_id                           1 
_refine.pdbx_TLS_residual_ADP_flag               'LIKELY RESIDUAL' 
_refine.ls_number_reflns_obs                     3164 
_refine.ls_number_reflns_all                     ? 
_refine.pdbx_ls_sigma_I                          ? 
_refine.pdbx_ls_sigma_F                          ? 
_refine.pdbx_data_cutoff_high_absF               ? 
_refine.pdbx_data_cutoff_low_absF                ? 
_refine.pdbx_data_cutoff_high_rms_absF           ? 
_refine.ls_d_res_low                             24.18 
_refine.ls_d_res_high                            1.85 
_refine.ls_percent_reflns_obs                    100.0 
_refine.ls_R_factor_obs                          0.202 
_refine.ls_R_factor_all                          ? 
_refine.ls_R_factor_R_work                       0.199 
_refine.ls_R_factor_R_free                       0.232 
_refine.ls_R_factor_R_free_error                 ? 
_refine.ls_R_factor_R_free_error_details         ? 
_refine.ls_percent_reflns_R_free                 9.400 
_refine.ls_number_reflns_R_free                  329 
_refine.ls_number_parameters                     ? 
_refine.ls_number_restraints                     ? 
_refine.occupancy_min                            ? 
_refine.occupancy_max                            ? 
_refine.correlation_coeff_Fo_to_Fc               0.948 
_refine.correlation_coeff_Fo_to_Fc_free          0.941 
_refine.B_iso_mean                               29.54 
_refine.aniso_B[1][1]                            -0.03000 
_refine.aniso_B[2][2]                            -0.03000 
_refine.aniso_B[3][3]                            0.06000 
_refine.aniso_B[1][2]                            0.00000 
_refine.aniso_B[1][3]                            0.00000 
_refine.aniso_B[2][3]                            0.00000 
_refine.solvent_model_details                    MASK 
_refine.solvent_model_param_ksol                 ? 
_refine.solvent_model_param_bsol                 ? 
_refine.pdbx_solvent_vdw_probe_radii             1.20 
_refine.pdbx_solvent_ion_probe_radii             0.80 
_refine.pdbx_solvent_shrinkage_radii             0.80 
_refine.pdbx_ls_cross_valid_method               THROUGHOUT 
_refine.details                                  'HYDROGENS HAVE BEEN ADDED IN THE RIDING POSITIONS.' 
_refine.pdbx_starting_model                      ? 
_refine.pdbx_method_to_determine_struct          MIR 
_refine.pdbx_isotropic_thermal_model             ? 
_refine.pdbx_stereochemistry_target_values       'MAXIMUM LIKELIHOOD' 
_refine.pdbx_stereochem_target_val_spec_case     ? 
_refine.pdbx_R_Free_selection_details            RANDOM 
_refine.pdbx_overall_ESU_R                       0.182 
_refine.pdbx_overall_ESU_R_Free                  0.153 
_refine.overall_SU_ML                            0.094 
_refine.pdbx_overall_phase_error                 ? 
_refine.overall_SU_B                             6.179 
_refine.overall_SU_R_Cruickshank_DPI             ? 
_refine.pdbx_overall_SU_R_free_Cruickshank_DPI   ? 
_refine.pdbx_overall_SU_R_Blow_DPI               ? 
_refine.pdbx_overall_SU_R_free_Blow_DPI          ? 
# 
_refine_hist.pdbx_refine_id                   'X-RAY DIFFRACTION' 
_refine_hist.cycle_id                         LAST 
_refine_hist.pdbx_number_atoms_protein        340 
_refine_hist.pdbx_number_atoms_nucleic_acid   0 
_refine_hist.pdbx_number_atoms_ligand         0 
_refine_hist.number_atoms_solvent             23 
_refine_hist.number_atoms_total               363 
_refine_hist.d_res_high                       1.85 
_refine_hist.d_res_low                        24.18 
# 
loop_
_refine_ls_restr.type 
_refine_ls_restr.dev_ideal 
_refine_ls_restr.dev_ideal_target 
_refine_ls_restr.weight 
_refine_ls_restr.number 
_refine_ls_restr.pdbx_refine_id 
_refine_ls_restr.pdbx_restraint_function 
r_bond_refined_d             0.013  0.021  ? 364 'X-RAY DIFFRACTION' ? 
r_bond_other_d               ?      ?      ? ?   'X-RAY DIFFRACTION' ? 
r_angle_refined_deg          1.389  1.980  ? 495 'X-RAY DIFFRACTION' ? 
r_angle_other_deg            ?      ?      ? ?   'X-RAY DIFFRACTION' ? 
r_dihedral_angle_1_deg       5.948  5.000  ? 50  'X-RAY DIFFRACTION' ? 
r_dihedral_angle_2_deg       32.664 21.875 ? 16  'X-RAY DIFFRACTION' ? 
r_dihedral_angle_3_deg       16.597 15.000 ? 61  'X-RAY DIFFRACTION' ? 
r_dihedral_angle_4_deg       17.025 15.000 ? 5   'X-RAY DIFFRACTION' ? 
r_chiral_restr               0.095  0.200  ? 55  'X-RAY DIFFRACTION' ? 
r_gen_planes_refined         0.006  0.020  ? 279 'X-RAY DIFFRACTION' ? 
r_gen_planes_other           ?      ?      ? ?   'X-RAY DIFFRACTION' ? 
r_nbd_refined                0.227  0.200  ? 145 'X-RAY DIFFRACTION' ? 
r_nbd_other                  ?      ?      ? ?   'X-RAY DIFFRACTION' ? 
r_nbtor_refined              0.298  0.200  ? 253 'X-RAY DIFFRACTION' ? 
r_nbtor_other                ?      ?      ? ?   'X-RAY DIFFRACTION' ? 
r_xyhbond_nbd_refined        0.202  0.200  ? 11  'X-RAY DIFFRACTION' ? 
r_xyhbond_nbd_other          ?      ?      ? ?   'X-RAY DIFFRACTION' ? 
r_metal_ion_refined          ?      ?      ? ?   'X-RAY DIFFRACTION' ? 
r_metal_ion_other            ?      ?      ? ?   'X-RAY DIFFRACTION' ? 
r_symmetry_vdw_refined       0.195  0.200  ? 31  'X-RAY DIFFRACTION' ? 
r_symmetry_vdw_other         ?      ?      ? ?   'X-RAY DIFFRACTION' ? 
r_symmetry_hbond_refined     0.344  0.200  ? 9   'X-RAY DIFFRACTION' ? 
r_symmetry_hbond_other       ?      ?      ? ?   'X-RAY DIFFRACTION' ? 
r_symmetry_metal_ion_refined ?      ?      ? ?   'X-RAY DIFFRACTION' ? 
r_symmetry_metal_ion_other   ?      ?      ? ?   'X-RAY DIFFRACTION' ? 
r_mcbond_it                  0.918  1.500  ? 243 'X-RAY DIFFRACTION' ? 
r_mcbond_other               ?      ?      ? ?   'X-RAY DIFFRACTION' ? 
r_mcangle_it                 1.372  2.000  ? 379 'X-RAY DIFFRACTION' ? 
r_mcangle_other              ?      ?      ? ?   'X-RAY DIFFRACTION' ? 
r_scbond_it                  2.729  3.000  ? 132 'X-RAY DIFFRACTION' ? 
r_scbond_other               ?      ?      ? ?   'X-RAY DIFFRACTION' ? 
r_scangle_it                 3.893  4.500  ? 113 'X-RAY DIFFRACTION' ? 
r_scangle_other              ?      ?      ? ?   'X-RAY DIFFRACTION' ? 
r_long_range_B_refined       ?      ?      ? ?   'X-RAY DIFFRACTION' ? 
r_long_range_B_other         ?      ?      ? ?   'X-RAY DIFFRACTION' ? 
r_rigid_bond_restr           ?      ?      ? ?   'X-RAY DIFFRACTION' ? 
r_sphericity_free            ?      ?      ? ?   'X-RAY DIFFRACTION' ? 
r_sphericity_bonded          ?      ?      ? ?   'X-RAY DIFFRACTION' ? 
# 
_refine_ls_shell.pdbx_refine_id                   'X-RAY DIFFRACTION' 
_refine_ls_shell.pdbx_total_number_of_bins_used   20 
_refine_ls_shell.d_res_high                       1.85 
_refine_ls_shell.d_res_low                        1.90 
_refine_ls_shell.number_reflns_R_work             224 
_refine_ls_shell.R_factor_R_work                  0.2220 
_refine_ls_shell.percent_reflns_obs               99.60 
_refine_ls_shell.R_factor_R_free                  0.2540 
_refine_ls_shell.R_factor_R_free_error            ? 
_refine_ls_shell.percent_reflns_R_free            ? 
_refine_ls_shell.number_reflns_R_free             23 
_refine_ls_shell.number_reflns_all                ? 
_refine_ls_shell.R_factor_all                     ? 
# 
_struct.entry_id                  2WFV 
_struct.title                     'Crystal structure of DILP5 variant C4' 
_struct.pdbx_model_details        ? 
_struct.pdbx_CASP_flag            ? 
_struct.pdbx_model_type_details   ? 
# 
_struct_keywords.entry_id        2WFV 
_struct_keywords.pdbx_keywords   'SIGNALING PROTEIN' 
_struct_keywords.text            'SIGNALING PROTEIN, CLEAVAGE ON PAIR OF BASIC RESIDUES' 
# 
loop_
_struct_asym.id 
_struct_asym.pdbx_blank_PDB_chainid_flag 
_struct_asym.pdbx_modified 
_struct_asym.entity_id 
_struct_asym.details 
A N N 1 ? 
B N N 2 ? 
C N N 3 ? 
D N N 3 ? 
# 
loop_
_struct_ref.id 
_struct_ref.db_name 
_struct_ref.db_code 
_struct_ref.entity_id 
_struct_ref.pdbx_seq_one_letter_code 
_struct_ref.pdbx_align_begin 
_struct_ref.pdbx_db_accession 
_struct_ref.pdbx_db_isoform 
1 UNP INSL5_DROME 1 ? ? Q7KUD5 ? 
2 UNP INSL5_DROME 2 ? ? Q7KUD5 ? 
# 
loop_
_struct_ref_seq.align_id 
_struct_ref_seq.ref_id 
_struct_ref_seq.pdbx_PDB_id_code 
_struct_ref_seq.pdbx_strand_id 
_struct_ref_seq.seq_align_beg 
_struct_ref_seq.pdbx_seq_align_beg_ins_code 
_struct_ref_seq.seq_align_end 
_struct_ref_seq.pdbx_seq_align_end_ins_code 
_struct_ref_seq.pdbx_db_accession 
_struct_ref_seq.db_align_beg 
_struct_ref_seq.pdbx_db_align_beg_ins_code 
_struct_ref_seq.db_align_end 
_struct_ref_seq.pdbx_db_align_end_ins_code 
_struct_ref_seq.pdbx_auth_seq_align_beg 
_struct_ref_seq.pdbx_auth_seq_align_end 
1 1 2WFV A 1 ? 25 ? Q7KUD5 84 ? 108 ? 1 25 
2 2 2WFV B 1 ? 23 ? Q7KUD5 24 ? 46  ? 1 23 
# 
_struct_ref_seq_dif.align_id                     1 
_struct_ref_seq_dif.pdbx_pdb_id_code             2WFV 
_struct_ref_seq_dif.mon_id                       ASN 
_struct_ref_seq_dif.pdbx_pdb_strand_id           A 
_struct_ref_seq_dif.seq_num                      12 
_struct_ref_seq_dif.pdbx_pdb_ins_code            ? 
_struct_ref_seq_dif.pdbx_seq_db_name             UNP 
_struct_ref_seq_dif.pdbx_seq_db_accession_code   Q7KUD5 
_struct_ref_seq_dif.db_mon_id                    LYS 
_struct_ref_seq_dif.pdbx_seq_db_seq_num          95 
_struct_ref_seq_dif.details                      'engineered mutation' 
_struct_ref_seq_dif.pdbx_auth_seq_num            12 
_struct_ref_seq_dif.pdbx_ordinal                 1 
# 
_pdbx_struct_assembly.id                   1 
_pdbx_struct_assembly.details              author_and_software_defined_assembly 
_pdbx_struct_assembly.method_details       PISA 
_pdbx_struct_assembly.oligomeric_details   dimeric 
_pdbx_struct_assembly.oligomeric_count     2 
# 
loop_
_pdbx_struct_assembly_prop.biol_id 
_pdbx_struct_assembly_prop.type 
_pdbx_struct_assembly_prop.value 
_pdbx_struct_assembly_prop.details 
1 'ABSA (A^2)' 1250  ? 
1 MORE         -11.3 ? 
1 'SSA (A^2)'  3270  ? 
# 
_pdbx_struct_assembly_gen.assembly_id       1 
_pdbx_struct_assembly_gen.oper_expression   1 
_pdbx_struct_assembly_gen.asym_id_list      A,B,C,D 
# 
_pdbx_struct_oper_list.id                   1 
_pdbx_struct_oper_list.type                 'identity operation' 
_pdbx_struct_oper_list.name                 1_555 
_pdbx_struct_oper_list.symmetry_operation   x,y,z 
_pdbx_struct_oper_list.matrix[1][1]         1.0000000000 
_pdbx_struct_oper_list.matrix[1][2]         0.0000000000 
_pdbx_struct_oper_list.matrix[1][3]         0.0000000000 
_pdbx_struct_oper_list.vector[1]            0.0000000000 
_pdbx_struct_oper_list.matrix[2][1]         0.0000000000 
_pdbx_struct_oper_list.matrix[2][2]         1.0000000000 
_pdbx_struct_oper_list.matrix[2][3]         0.0000000000 
_pdbx_struct_oper_list.vector[2]            0.0000000000 
_pdbx_struct_oper_list.matrix[3][1]         0.0000000000 
_pdbx_struct_oper_list.matrix[3][2]         0.0000000000 
_pdbx_struct_oper_list.matrix[3][3]         1.0000000000 
_pdbx_struct_oper_list.vector[3]            0.0000000000 
# 
_struct_biol.id   1 
# 
loop_
_struct_conf.conf_type_id 
_struct_conf.id 
_struct_conf.pdbx_PDB_helix_id 
_struct_conf.beg_label_comp_id 
_struct_conf.beg_label_asym_id 
_struct_conf.beg_label_seq_id 
_struct_conf.pdbx_beg_PDB_ins_code 
_struct_conf.end_label_comp_id 
_struct_conf.end_label_asym_id 
_struct_conf.end_label_seq_id 
_struct_conf.pdbx_end_PDB_ins_code 
_struct_conf.beg_auth_comp_id 
_struct_conf.beg_auth_asym_id 
_struct_conf.beg_auth_seq_id 
_struct_conf.end_auth_comp_id 
_struct_conf.end_auth_asym_id 
_struct_conf.end_auth_seq_id 
_struct_conf.pdbx_PDB_helix_class 
_struct_conf.details 
_struct_conf.pdbx_PDB_helix_length 
HELX_P HELX_P1 1 ARG A 3  ? CYS A 10 ? ARG A 3  CYS A 10 1 ? 8  
HELX_P HELX_P2 2 SER A 15 ? TYR A 22 ? SER A 15 TYR A 22 1 ? 8  
HELX_P HELX_P3 3 GLY B 7  ? CYS B 18 ? GLY B 7  CYS B 18 1 ? 12 
# 
_struct_conf_type.id          HELX_P 
_struct_conf_type.criteria    ? 
_struct_conf_type.reference   ? 
# 
loop_
_struct_conn.id 
_struct_conn.conn_type_id 
_struct_conn.pdbx_leaving_atom_flag 
_struct_conn.pdbx_PDB_id 
_struct_conn.ptnr1_label_asym_id 
_struct_conn.ptnr1_label_comp_id 
_struct_conn.ptnr1_label_seq_id 
_struct_conn.ptnr1_label_atom_id 
_struct_conn.pdbx_ptnr1_label_alt_id 
_struct_conn.pdbx_ptnr1_PDB_ins_code 
_struct_conn.pdbx_ptnr1_standard_comp_id 
_struct_conn.ptnr1_symmetry 
_struct_conn.ptnr2_label_asym_id 
_struct_conn.ptnr2_label_comp_id 
_struct_conn.ptnr2_label_seq_id 
_struct_conn.ptnr2_label_atom_id 
_struct_conn.pdbx_ptnr2_label_alt_id 
_struct_conn.pdbx_ptnr2_PDB_ins_code 
_struct_conn.ptnr1_auth_asym_id 
_struct_conn.ptnr1_auth_comp_id 
_struct_conn.ptnr1_auth_seq_id 
_struct_conn.ptnr2_auth_asym_id 
_struct_conn.ptnr2_auth_comp_id 
_struct_conn.ptnr2_auth_seq_id 
_struct_conn.ptnr2_symmetry 
_struct_conn.pdbx_ptnr3_label_atom_id 
_struct_conn.pdbx_ptnr3_label_seq_id 
_struct_conn.pdbx_ptnr3_label_comp_id 
_struct_conn.pdbx_ptnr3_label_asym_id 
_struct_conn.pdbx_ptnr3_label_alt_id 
_struct_conn.pdbx_ptnr3_PDB_ins_code 
_struct_conn.details 
_struct_conn.pdbx_dist_value 
_struct_conn.pdbx_value_order 
_struct_conn.pdbx_role 
disulf1 disulf ? ? A CYS 9  SG ? ? ? 1_555 A CYS 14 SG ? ? A CYS 9  A CYS 14 1_555 ? ? ? ? ? ? ? 2.048 ? ? 
disulf2 disulf ? ? A CYS 10 SG ? ? ? 1_555 B CYS 6  SG ? ? A CYS 10 B CYS 6  1_555 ? ? ? ? ? ? ? 2.039 ? ? 
disulf3 disulf ? ? A CYS 23 SG ? ? ? 1_555 B CYS 18 SG ? ? A CYS 23 B CYS 18 1_555 ? ? ? ? ? ? ? 2.001 ? ? 
# 
_struct_conn_type.id          disulf 
_struct_conn_type.criteria    ? 
_struct_conn_type.reference   ? 
# 
loop_
_pdbx_modification_feature.ordinal 
_pdbx_modification_feature.label_comp_id 
_pdbx_modification_feature.label_asym_id 
_pdbx_modification_feature.label_seq_id 
_pdbx_modification_feature.label_alt_id 
_pdbx_modification_feature.modified_residue_label_comp_id 
_pdbx_modification_feature.modified_residue_label_asym_id 
_pdbx_modification_feature.modified_residue_label_seq_id 
_pdbx_modification_feature.modified_residue_label_alt_id 
_pdbx_modification_feature.auth_comp_id 
_pdbx_modification_feature.auth_asym_id 
_pdbx_modification_feature.auth_seq_id 
_pdbx_modification_feature.PDB_ins_code 
_pdbx_modification_feature.symmetry 
_pdbx_modification_feature.modified_residue_auth_comp_id 
_pdbx_modification_feature.modified_residue_auth_asym_id 
_pdbx_modification_feature.modified_residue_auth_seq_id 
_pdbx_modification_feature.modified_residue_PDB_ins_code 
_pdbx_modification_feature.modified_residue_symmetry 
_pdbx_modification_feature.comp_id_linking_atom 
_pdbx_modification_feature.modified_residue_id_linking_atom 
_pdbx_modification_feature.modified_residue_id 
_pdbx_modification_feature.ref_pcm_id 
_pdbx_modification_feature.ref_comp_id 
_pdbx_modification_feature.type 
_pdbx_modification_feature.category 
1 CYS A 9  ? CYS A 14 ? CYS A 9  ? 1_555 CYS A 14 ? 1_555 SG SG . . . None 'Disulfide bridge' 
2 CYS A 10 ? CYS B 6  ? CYS A 10 ? 1_555 CYS B 6  ? 1_555 SG SG . . . None 'Disulfide bridge' 
3 CYS A 23 ? CYS B 18 ? CYS A 23 ? 1_555 CYS B 18 ? 1_555 SG SG . . . None 'Disulfide bridge' 
# 
_pdbx_entry_details.entry_id                   2WFV 
_pdbx_entry_details.compound_details           'ENGINEERED RESIDUE IN CHAIN A, LYS 95 TO ASN' 
_pdbx_entry_details.source_details             ? 
_pdbx_entry_details.nonpolymer_details         ? 
_pdbx_entry_details.sequence_details           
;LYS12A HAS BEEN MUTATED TO ASN12A AS A PART OF CLONING
STRATEGY
;
_pdbx_entry_details.has_ligand_of_interest     ? 
_pdbx_entry_details.has_protein_modification   Y 
# 
_pdbx_validate_symm_contact.id                1 
_pdbx_validate_symm_contact.PDB_model_num     1 
_pdbx_validate_symm_contact.auth_atom_id_1    NH2 
_pdbx_validate_symm_contact.auth_asym_id_1    A 
_pdbx_validate_symm_contact.auth_comp_id_1    ARG 
_pdbx_validate_symm_contact.auth_seq_id_1     11 
_pdbx_validate_symm_contact.PDB_ins_code_1    ? 
_pdbx_validate_symm_contact.label_alt_id_1    ? 
_pdbx_validate_symm_contact.site_symmetry_1   1_555 
_pdbx_validate_symm_contact.auth_atom_id_2    O 
_pdbx_validate_symm_contact.auth_asym_id_2    A 
_pdbx_validate_symm_contact.auth_comp_id_2    SER 
_pdbx_validate_symm_contact.auth_seq_id_2     13 
_pdbx_validate_symm_contact.PDB_ins_code_2    ? 
_pdbx_validate_symm_contact.label_alt_id_2    ? 
_pdbx_validate_symm_contact.site_symmetry_2   3_544 
_pdbx_validate_symm_contact.dist              2.07 
# 
_pdbx_validate_rmsd_angle.id                         1 
_pdbx_validate_rmsd_angle.PDB_model_num              1 
_pdbx_validate_rmsd_angle.auth_atom_id_1             NE 
_pdbx_validate_rmsd_angle.auth_asym_id_1             A 
_pdbx_validate_rmsd_angle.auth_comp_id_1             ARG 
_pdbx_validate_rmsd_angle.auth_seq_id_1              11 
_pdbx_validate_rmsd_angle.PDB_ins_code_1             ? 
_pdbx_validate_rmsd_angle.label_alt_id_1             ? 
_pdbx_validate_rmsd_angle.auth_atom_id_2             CZ 
_pdbx_validate_rmsd_angle.auth_asym_id_2             A 
_pdbx_validate_rmsd_angle.auth_comp_id_2             ARG 
_pdbx_validate_rmsd_angle.auth_seq_id_2              11 
_pdbx_validate_rmsd_angle.PDB_ins_code_2             ? 
_pdbx_validate_rmsd_angle.label_alt_id_2             ? 
_pdbx_validate_rmsd_angle.auth_atom_id_3             NH2 
_pdbx_validate_rmsd_angle.auth_asym_id_3             A 
_pdbx_validate_rmsd_angle.auth_comp_id_3             ARG 
_pdbx_validate_rmsd_angle.auth_seq_id_3              11 
_pdbx_validate_rmsd_angle.PDB_ins_code_3             ? 
_pdbx_validate_rmsd_angle.label_alt_id_3             ? 
_pdbx_validate_rmsd_angle.angle_value                117.05 
_pdbx_validate_rmsd_angle.angle_target_value         120.30 
_pdbx_validate_rmsd_angle.angle_deviation            -3.25 
_pdbx_validate_rmsd_angle.angle_standard_deviation   0.50 
_pdbx_validate_rmsd_angle.linker_flag                N 
# 
_pdbx_validate_torsion.id              1 
_pdbx_validate_torsion.PDB_model_num   1 
_pdbx_validate_torsion.auth_comp_id    PHE 
_pdbx_validate_torsion.auth_asym_id    B 
_pdbx_validate_torsion.auth_seq_id     22 
_pdbx_validate_torsion.PDB_ins_code    ? 
_pdbx_validate_torsion.label_alt_id    ? 
_pdbx_validate_torsion.phi             -151.22 
_pdbx_validate_torsion.psi             19.07 
# 
loop_
_pdbx_refine_tls.pdbx_refine_id 
_pdbx_refine_tls.id 
_pdbx_refine_tls.details 
_pdbx_refine_tls.method 
_pdbx_refine_tls.origin_x 
_pdbx_refine_tls.origin_y 
_pdbx_refine_tls.origin_z 
_pdbx_refine_tls.T[1][1] 
_pdbx_refine_tls.T[2][2] 
_pdbx_refine_tls.T[3][3] 
_pdbx_refine_tls.T[1][2] 
_pdbx_refine_tls.T[1][3] 
_pdbx_refine_tls.T[2][3] 
_pdbx_refine_tls.L[1][1] 
_pdbx_refine_tls.L[2][2] 
_pdbx_refine_tls.L[3][3] 
_pdbx_refine_tls.L[1][2] 
_pdbx_refine_tls.L[1][3] 
_pdbx_refine_tls.L[2][3] 
_pdbx_refine_tls.S[1][1] 
_pdbx_refine_tls.S[1][2] 
_pdbx_refine_tls.S[1][3] 
_pdbx_refine_tls.S[2][1] 
_pdbx_refine_tls.S[2][2] 
_pdbx_refine_tls.S[2][3] 
_pdbx_refine_tls.S[3][1] 
_pdbx_refine_tls.S[3][2] 
_pdbx_refine_tls.S[3][3] 
'X-RAY DIFFRACTION' 1 ? refined 3.6026  0.2482  0.1718 -0.1073 -0.0918 -0.1011 0.0189 0.0168 -0.0011 8.8490 7.0802 5.3467 -2.7793 -1.7480 3.2421 -0.3155 -0.2709 -0.2877 0.3777 0.3621 -0.1231 0.3431 0.1684  -0.0467 
'X-RAY DIFFRACTION' 2 ? refined -3.8224 -0.8041 0.0436 -0.0615 -0.0578 -0.0127 0.0220 0.0282 0.0303  8.6648 4.4300 5.8556 0.7685  -1.5385 3.2195 -0.1924 -0.1435 -0.7541 0.4288 0.1114 0.0164  0.3601 -0.1982 0.0810  
# 
loop_
_pdbx_refine_tls_group.pdbx_refine_id 
_pdbx_refine_tls_group.id 
_pdbx_refine_tls_group.refine_tls_id 
_pdbx_refine_tls_group.beg_auth_asym_id 
_pdbx_refine_tls_group.beg_auth_seq_id 
_pdbx_refine_tls_group.beg_label_asym_id 
_pdbx_refine_tls_group.beg_label_seq_id 
_pdbx_refine_tls_group.end_auth_asym_id 
_pdbx_refine_tls_group.end_auth_seq_id 
_pdbx_refine_tls_group.end_label_asym_id 
_pdbx_refine_tls_group.end_label_seq_id 
_pdbx_refine_tls_group.selection 
_pdbx_refine_tls_group.selection_details 
'X-RAY DIFFRACTION' 1 1 A 3 ? ? A 25 ? ? ? ? 
'X-RAY DIFFRACTION' 2 2 B 1 ? ? B 23 ? ? ? ? 
# 
loop_
_pdbx_unobs_or_zero_occ_residues.id 
_pdbx_unobs_or_zero_occ_residues.PDB_model_num 
_pdbx_unobs_or_zero_occ_residues.polymer_flag 
_pdbx_unobs_or_zero_occ_residues.occupancy_flag 
_pdbx_unobs_or_zero_occ_residues.auth_asym_id 
_pdbx_unobs_or_zero_occ_residues.auth_comp_id 
_pdbx_unobs_or_zero_occ_residues.auth_seq_id 
_pdbx_unobs_or_zero_occ_residues.PDB_ins_code 
_pdbx_unobs_or_zero_occ_residues.label_asym_id 
_pdbx_unobs_or_zero_occ_residues.label_comp_id 
_pdbx_unobs_or_zero_occ_residues.label_seq_id 
1 1 Y 1 A ASP 1 ? A ASP 1 
2 1 Y 1 A PHE 2 ? A PHE 2 
# 
loop_
_chem_comp_atom.comp_id 
_chem_comp_atom.atom_id 
_chem_comp_atom.type_symbol 
_chem_comp_atom.pdbx_aromatic_flag 
_chem_comp_atom.pdbx_stereo_config 
_chem_comp_atom.pdbx_ordinal 
ALA N    N N N 1   
ALA CA   C N S 2   
ALA C    C N N 3   
ALA O    O N N 4   
ALA CB   C N N 5   
ALA OXT  O N N 6   
ALA H    H N N 7   
ALA H2   H N N 8   
ALA HA   H N N 9   
ALA HB1  H N N 10  
ALA HB2  H N N 11  
ALA HB3  H N N 12  
ALA HXT  H N N 13  
ARG N    N N N 14  
ARG CA   C N S 15  
ARG C    C N N 16  
ARG O    O N N 17  
ARG CB   C N N 18  
ARG CG   C N N 19  
ARG CD   C N N 20  
ARG NE   N N N 21  
ARG CZ   C N N 22  
ARG NH1  N N N 23  
ARG NH2  N N N 24  
ARG OXT  O N N 25  
ARG H    H N N 26  
ARG H2   H N N 27  
ARG HA   H N N 28  
ARG HB2  H N N 29  
ARG HB3  H N N 30  
ARG HG2  H N N 31  
ARG HG3  H N N 32  
ARG HD2  H N N 33  
ARG HD3  H N N 34  
ARG HE   H N N 35  
ARG HH11 H N N 36  
ARG HH12 H N N 37  
ARG HH21 H N N 38  
ARG HH22 H N N 39  
ARG HXT  H N N 40  
ASN N    N N N 41  
ASN CA   C N S 42  
ASN C    C N N 43  
ASN O    O N N 44  
ASN CB   C N N 45  
ASN CG   C N N 46  
ASN OD1  O N N 47  
ASN ND2  N N N 48  
ASN OXT  O N N 49  
ASN H    H N N 50  
ASN H2   H N N 51  
ASN HA   H N N 52  
ASN HB2  H N N 53  
ASN HB3  H N N 54  
ASN HD21 H N N 55  
ASN HD22 H N N 56  
ASN HXT  H N N 57  
ASP N    N N N 58  
ASP CA   C N S 59  
ASP C    C N N 60  
ASP O    O N N 61  
ASP CB   C N N 62  
ASP CG   C N N 63  
ASP OD1  O N N 64  
ASP OD2  O N N 65  
ASP OXT  O N N 66  
ASP H    H N N 67  
ASP H2   H N N 68  
ASP HA   H N N 69  
ASP HB2  H N N 70  
ASP HB3  H N N 71  
ASP HD2  H N N 72  
ASP HXT  H N N 73  
CYS N    N N N 74  
CYS CA   C N R 75  
CYS C    C N N 76  
CYS O    O N N 77  
CYS CB   C N N 78  
CYS SG   S N N 79  
CYS OXT  O N N 80  
CYS H    H N N 81  
CYS H2   H N N 82  
CYS HA   H N N 83  
CYS HB2  H N N 84  
CYS HB3  H N N 85  
CYS HG   H N N 86  
CYS HXT  H N N 87  
GLY N    N N N 88  
GLY CA   C N N 89  
GLY C    C N N 90  
GLY O    O N N 91  
GLY OXT  O N N 92  
GLY H    H N N 93  
GLY H2   H N N 94  
GLY HA2  H N N 95  
GLY HA3  H N N 96  
GLY HXT  H N N 97  
HOH O    O N N 98  
HOH H1   H N N 99  
HOH H2   H N N 100 
LEU N    N N N 101 
LEU CA   C N S 102 
LEU C    C N N 103 
LEU O    O N N 104 
LEU CB   C N N 105 
LEU CG   C N N 106 
LEU CD1  C N N 107 
LEU CD2  C N N 108 
LEU OXT  O N N 109 
LEU H    H N N 110 
LEU H2   H N N 111 
LEU HA   H N N 112 
LEU HB2  H N N 113 
LEU HB3  H N N 114 
LEU HG   H N N 115 
LEU HD11 H N N 116 
LEU HD12 H N N 117 
LEU HD13 H N N 118 
LEU HD21 H N N 119 
LEU HD22 H N N 120 
LEU HD23 H N N 121 
LEU HXT  H N N 122 
LYS N    N N N 123 
LYS CA   C N S 124 
LYS C    C N N 125 
LYS O    O N N 126 
LYS CB   C N N 127 
LYS CG   C N N 128 
LYS CD   C N N 129 
LYS CE   C N N 130 
LYS NZ   N N N 131 
LYS OXT  O N N 132 
LYS H    H N N 133 
LYS H2   H N N 134 
LYS HA   H N N 135 
LYS HB2  H N N 136 
LYS HB3  H N N 137 
LYS HG2  H N N 138 
LYS HG3  H N N 139 
LYS HD2  H N N 140 
LYS HD3  H N N 141 
LYS HE2  H N N 142 
LYS HE3  H N N 143 
LYS HZ1  H N N 144 
LYS HZ2  H N N 145 
LYS HZ3  H N N 146 
LYS HXT  H N N 147 
MET N    N N N 148 
MET CA   C N S 149 
MET C    C N N 150 
MET O    O N N 151 
MET CB   C N N 152 
MET CG   C N N 153 
MET SD   S N N 154 
MET CE   C N N 155 
MET OXT  O N N 156 
MET H    H N N 157 
MET H2   H N N 158 
MET HA   H N N 159 
MET HB2  H N N 160 
MET HB3  H N N 161 
MET HG2  H N N 162 
MET HG3  H N N 163 
MET HE1  H N N 164 
MET HE2  H N N 165 
MET HE3  H N N 166 
MET HXT  H N N 167 
PHE N    N N N 168 
PHE CA   C N S 169 
PHE C    C N N 170 
PHE O    O N N 171 
PHE CB   C N N 172 
PHE CG   C Y N 173 
PHE CD1  C Y N 174 
PHE CD2  C Y N 175 
PHE CE1  C Y N 176 
PHE CE2  C Y N 177 
PHE CZ   C Y N 178 
PHE OXT  O N N 179 
PHE H    H N N 180 
PHE H2   H N N 181 
PHE HA   H N N 182 
PHE HB2  H N N 183 
PHE HB3  H N N 184 
PHE HD1  H N N 185 
PHE HD2  H N N 186 
PHE HE1  H N N 187 
PHE HE2  H N N 188 
PHE HZ   H N N 189 
PHE HXT  H N N 190 
PRO N    N N N 191 
PRO CA   C N S 192 
PRO C    C N N 193 
PRO O    O N N 194 
PRO CB   C N N 195 
PRO CG   C N N 196 
PRO CD   C N N 197 
PRO OXT  O N N 198 
PRO H    H N N 199 
PRO HA   H N N 200 
PRO HB2  H N N 201 
PRO HB3  H N N 202 
PRO HG2  H N N 203 
PRO HG3  H N N 204 
PRO HD2  H N N 205 
PRO HD3  H N N 206 
PRO HXT  H N N 207 
SER N    N N N 208 
SER CA   C N S 209 
SER C    C N N 210 
SER O    O N N 211 
SER CB   C N N 212 
SER OG   O N N 213 
SER OXT  O N N 214 
SER H    H N N 215 
SER H2   H N N 216 
SER HA   H N N 217 
SER HB2  H N N 218 
SER HB3  H N N 219 
SER HG   H N N 220 
SER HXT  H N N 221 
THR N    N N N 222 
THR CA   C N S 223 
THR C    C N N 224 
THR O    O N N 225 
THR CB   C N R 226 
THR OG1  O N N 227 
THR CG2  C N N 228 
THR OXT  O N N 229 
THR H    H N N 230 
THR H2   H N N 231 
THR HA   H N N 232 
THR HB   H N N 233 
THR HG1  H N N 234 
THR HG21 H N N 235 
THR HG22 H N N 236 
THR HG23 H N N 237 
THR HXT  H N N 238 
TYR N    N N N 239 
TYR CA   C N S 240 
TYR C    C N N 241 
TYR O    O N N 242 
TYR CB   C N N 243 
TYR CG   C Y N 244 
TYR CD1  C Y N 245 
TYR CD2  C Y N 246 
TYR CE1  C Y N 247 
TYR CE2  C Y N 248 
TYR CZ   C Y N 249 
TYR OH   O N N 250 
TYR OXT  O N N 251 
TYR H    H N N 252 
TYR H2   H N N 253 
TYR HA   H N N 254 
TYR HB2  H N N 255 
TYR HB3  H N N 256 
TYR HD1  H N N 257 
TYR HD2  H N N 258 
TYR HE1  H N N 259 
TYR HE2  H N N 260 
TYR HH   H N N 261 
TYR HXT  H N N 262 
VAL N    N N N 263 
VAL CA   C N S 264 
VAL C    C N N 265 
VAL O    O N N 266 
VAL CB   C N N 267 
VAL CG1  C N N 268 
VAL CG2  C N N 269 
VAL OXT  O N N 270 
VAL H    H N N 271 
VAL H2   H N N 272 
VAL HA   H N N 273 
VAL HB   H N N 274 
VAL HG11 H N N 275 
VAL HG12 H N N 276 
VAL HG13 H N N 277 
VAL HG21 H N N 278 
VAL HG22 H N N 279 
VAL HG23 H N N 280 
VAL HXT  H N N 281 
# 
loop_
_chem_comp_bond.comp_id 
_chem_comp_bond.atom_id_1 
_chem_comp_bond.atom_id_2 
_chem_comp_bond.value_order 
_chem_comp_bond.pdbx_aromatic_flag 
_chem_comp_bond.pdbx_stereo_config 
_chem_comp_bond.pdbx_ordinal 
ALA N   CA   sing N N 1   
ALA N   H    sing N N 2   
ALA N   H2   sing N N 3   
ALA CA  C    sing N N 4   
ALA CA  CB   sing N N 5   
ALA CA  HA   sing N N 6   
ALA C   O    doub N N 7   
ALA C   OXT  sing N N 8   
ALA CB  HB1  sing N N 9   
ALA CB  HB2  sing N N 10  
ALA CB  HB3  sing N N 11  
ALA OXT HXT  sing N N 12  
ARG N   CA   sing N N 13  
ARG N   H    sing N N 14  
ARG N   H2   sing N N 15  
ARG CA  C    sing N N 16  
ARG CA  CB   sing N N 17  
ARG CA  HA   sing N N 18  
ARG C   O    doub N N 19  
ARG C   OXT  sing N N 20  
ARG CB  CG   sing N N 21  
ARG CB  HB2  sing N N 22  
ARG CB  HB3  sing N N 23  
ARG CG  CD   sing N N 24  
ARG CG  HG2  sing N N 25  
ARG CG  HG3  sing N N 26  
ARG CD  NE   sing N N 27  
ARG CD  HD2  sing N N 28  
ARG CD  HD3  sing N N 29  
ARG NE  CZ   sing N N 30  
ARG NE  HE   sing N N 31  
ARG CZ  NH1  sing N N 32  
ARG CZ  NH2  doub N N 33  
ARG NH1 HH11 sing N N 34  
ARG NH1 HH12 sing N N 35  
ARG NH2 HH21 sing N N 36  
ARG NH2 HH22 sing N N 37  
ARG OXT HXT  sing N N 38  
ASN N   CA   sing N N 39  
ASN N   H    sing N N 40  
ASN N   H2   sing N N 41  
ASN CA  C    sing N N 42  
ASN CA  CB   sing N N 43  
ASN CA  HA   sing N N 44  
ASN C   O    doub N N 45  
ASN C   OXT  sing N N 46  
ASN CB  CG   sing N N 47  
ASN CB  HB2  sing N N 48  
ASN CB  HB3  sing N N 49  
ASN CG  OD1  doub N N 50  
ASN CG  ND2  sing N N 51  
ASN ND2 HD21 sing N N 52  
ASN ND2 HD22 sing N N 53  
ASN OXT HXT  sing N N 54  
ASP N   CA   sing N N 55  
ASP N   H    sing N N 56  
ASP N   H2   sing N N 57  
ASP CA  C    sing N N 58  
ASP CA  CB   sing N N 59  
ASP CA  HA   sing N N 60  
ASP C   O    doub N N 61  
ASP C   OXT  sing N N 62  
ASP CB  CG   sing N N 63  
ASP CB  HB2  sing N N 64  
ASP CB  HB3  sing N N 65  
ASP CG  OD1  doub N N 66  
ASP CG  OD2  sing N N 67  
ASP OD2 HD2  sing N N 68  
ASP OXT HXT  sing N N 69  
CYS N   CA   sing N N 70  
CYS N   H    sing N N 71  
CYS N   H2   sing N N 72  
CYS CA  C    sing N N 73  
CYS CA  CB   sing N N 74  
CYS CA  HA   sing N N 75  
CYS C   O    doub N N 76  
CYS C   OXT  sing N N 77  
CYS CB  SG   sing N N 78  
CYS CB  HB2  sing N N 79  
CYS CB  HB3  sing N N 80  
CYS SG  HG   sing N N 81  
CYS OXT HXT  sing N N 82  
GLY N   CA   sing N N 83  
GLY N   H    sing N N 84  
GLY N   H2   sing N N 85  
GLY CA  C    sing N N 86  
GLY CA  HA2  sing N N 87  
GLY CA  HA3  sing N N 88  
GLY C   O    doub N N 89  
GLY C   OXT  sing N N 90  
GLY OXT HXT  sing N N 91  
HOH O   H1   sing N N 92  
HOH O   H2   sing N N 93  
LEU N   CA   sing N N 94  
LEU N   H    sing N N 95  
LEU N   H2   sing N N 96  
LEU CA  C    sing N N 97  
LEU CA  CB   sing N N 98  
LEU CA  HA   sing N N 99  
LEU C   O    doub N N 100 
LEU C   OXT  sing N N 101 
LEU CB  CG   sing N N 102 
LEU CB  HB2  sing N N 103 
LEU CB  HB3  sing N N 104 
LEU CG  CD1  sing N N 105 
LEU CG  CD2  sing N N 106 
LEU CG  HG   sing N N 107 
LEU CD1 HD11 sing N N 108 
LEU CD1 HD12 sing N N 109 
LEU CD1 HD13 sing N N 110 
LEU CD2 HD21 sing N N 111 
LEU CD2 HD22 sing N N 112 
LEU CD2 HD23 sing N N 113 
LEU OXT HXT  sing N N 114 
LYS N   CA   sing N N 115 
LYS N   H    sing N N 116 
LYS N   H2   sing N N 117 
LYS CA  C    sing N N 118 
LYS CA  CB   sing N N 119 
LYS CA  HA   sing N N 120 
LYS C   O    doub N N 121 
LYS C   OXT  sing N N 122 
LYS CB  CG   sing N N 123 
LYS CB  HB2  sing N N 124 
LYS CB  HB3  sing N N 125 
LYS CG  CD   sing N N 126 
LYS CG  HG2  sing N N 127 
LYS CG  HG3  sing N N 128 
LYS CD  CE   sing N N 129 
LYS CD  HD2  sing N N 130 
LYS CD  HD3  sing N N 131 
LYS CE  NZ   sing N N 132 
LYS CE  HE2  sing N N 133 
LYS CE  HE3  sing N N 134 
LYS NZ  HZ1  sing N N 135 
LYS NZ  HZ2  sing N N 136 
LYS NZ  HZ3  sing N N 137 
LYS OXT HXT  sing N N 138 
MET N   CA   sing N N 139 
MET N   H    sing N N 140 
MET N   H2   sing N N 141 
MET CA  C    sing N N 142 
MET CA  CB   sing N N 143 
MET CA  HA   sing N N 144 
MET C   O    doub N N 145 
MET C   OXT  sing N N 146 
MET CB  CG   sing N N 147 
MET CB  HB2  sing N N 148 
MET CB  HB3  sing N N 149 
MET CG  SD   sing N N 150 
MET CG  HG2  sing N N 151 
MET CG  HG3  sing N N 152 
MET SD  CE   sing N N 153 
MET CE  HE1  sing N N 154 
MET CE  HE2  sing N N 155 
MET CE  HE3  sing N N 156 
MET OXT HXT  sing N N 157 
PHE N   CA   sing N N 158 
PHE N   H    sing N N 159 
PHE N   H2   sing N N 160 
PHE CA  C    sing N N 161 
PHE CA  CB   sing N N 162 
PHE CA  HA   sing N N 163 
PHE C   O    doub N N 164 
PHE C   OXT  sing N N 165 
PHE CB  CG   sing N N 166 
PHE CB  HB2  sing N N 167 
PHE CB  HB3  sing N N 168 
PHE CG  CD1  doub Y N 169 
PHE CG  CD2  sing Y N 170 
PHE CD1 CE1  sing Y N 171 
PHE CD1 HD1  sing N N 172 
PHE CD2 CE2  doub Y N 173 
PHE CD2 HD2  sing N N 174 
PHE CE1 CZ   doub Y N 175 
PHE CE1 HE1  sing N N 176 
PHE CE2 CZ   sing Y N 177 
PHE CE2 HE2  sing N N 178 
PHE CZ  HZ   sing N N 179 
PHE OXT HXT  sing N N 180 
PRO N   CA   sing N N 181 
PRO N   CD   sing N N 182 
PRO N   H    sing N N 183 
PRO CA  C    sing N N 184 
PRO CA  CB   sing N N 185 
PRO CA  HA   sing N N 186 
PRO C   O    doub N N 187 
PRO C   OXT  sing N N 188 
PRO CB  CG   sing N N 189 
PRO CB  HB2  sing N N 190 
PRO CB  HB3  sing N N 191 
PRO CG  CD   sing N N 192 
PRO CG  HG2  sing N N 193 
PRO CG  HG3  sing N N 194 
PRO CD  HD2  sing N N 195 
PRO CD  HD3  sing N N 196 
PRO OXT HXT  sing N N 197 
SER N   CA   sing N N 198 
SER N   H    sing N N 199 
SER N   H2   sing N N 200 
SER CA  C    sing N N 201 
SER CA  CB   sing N N 202 
SER CA  HA   sing N N 203 
SER C   O    doub N N 204 
SER C   OXT  sing N N 205 
SER CB  OG   sing N N 206 
SER CB  HB2  sing N N 207 
SER CB  HB3  sing N N 208 
SER OG  HG   sing N N 209 
SER OXT HXT  sing N N 210 
THR N   CA   sing N N 211 
THR N   H    sing N N 212 
THR N   H2   sing N N 213 
THR CA  C    sing N N 214 
THR CA  CB   sing N N 215 
THR CA  HA   sing N N 216 
THR C   O    doub N N 217 
THR C   OXT  sing N N 218 
THR CB  OG1  sing N N 219 
THR CB  CG2  sing N N 220 
THR CB  HB   sing N N 221 
THR OG1 HG1  sing N N 222 
THR CG2 HG21 sing N N 223 
THR CG2 HG22 sing N N 224 
THR CG2 HG23 sing N N 225 
THR OXT HXT  sing N N 226 
TYR N   CA   sing N N 227 
TYR N   H    sing N N 228 
TYR N   H2   sing N N 229 
TYR CA  C    sing N N 230 
TYR CA  CB   sing N N 231 
TYR CA  HA   sing N N 232 
TYR C   O    doub N N 233 
TYR C   OXT  sing N N 234 
TYR CB  CG   sing N N 235 
TYR CB  HB2  sing N N 236 
TYR CB  HB3  sing N N 237 
TYR CG  CD1  doub Y N 238 
TYR CG  CD2  sing Y N 239 
TYR CD1 CE1  sing Y N 240 
TYR CD1 HD1  sing N N 241 
TYR CD2 CE2  doub Y N 242 
TYR CD2 HD2  sing N N 243 
TYR CE1 CZ   doub Y N 244 
TYR CE1 HE1  sing N N 245 
TYR CE2 CZ   sing Y N 246 
TYR CE2 HE2  sing N N 247 
TYR CZ  OH   sing N N 248 
TYR OH  HH   sing N N 249 
TYR OXT HXT  sing N N 250 
VAL N   CA   sing N N 251 
VAL N   H    sing N N 252 
VAL N   H2   sing N N 253 
VAL CA  C    sing N N 254 
VAL CA  CB   sing N N 255 
VAL CA  HA   sing N N 256 
VAL C   O    doub N N 257 
VAL C   OXT  sing N N 258 
VAL CB  CG1  sing N N 259 
VAL CB  CG2  sing N N 260 
VAL CB  HB   sing N N 261 
VAL CG1 HG11 sing N N 262 
VAL CG1 HG12 sing N N 263 
VAL CG1 HG13 sing N N 264 
VAL CG2 HG21 sing N N 265 
VAL CG2 HG22 sing N N 266 
VAL CG2 HG23 sing N N 267 
VAL OXT HXT  sing N N 268 
# 
_atom_sites.entry_id                    2WFV 
_atom_sites.fract_transf_matrix[1][1]   0.01973121 
_atom_sites.fract_transf_matrix[1][2]   0.00379519 
_atom_sites.fract_transf_matrix[1][3]   0.01440838 
_atom_sites.fract_transf_matrix[2][1]   0.00647925 
_atom_sites.fract_transf_matrix[2][2]   -0.02371601 
_atom_sites.fract_transf_matrix[2][3]   -0.00262602 
_atom_sites.fract_transf_matrix[3][1]   0.01199499 
_atom_sites.fract_transf_matrix[3][2]   0.00524898 
_atom_sites.fract_transf_matrix[3][3]   -0.01780885 
_atom_sites.fract_transf_vector[1]      0.220446 
_atom_sites.fract_transf_vector[2]      0.038412 
_atom_sites.fract_transf_vector[3]      0.235570 
# 
loop_
_atom_type.symbol 
C 
N 
O 
S 
# 
loop_
_atom_site.group_PDB 
_atom_site.id 
_atom_site.type_symbol 
_atom_site.label_atom_id 
_atom_site.label_alt_id 
_atom_site.label_comp_id 
_atom_site.label_asym_id 
_atom_site.label_entity_id 
_atom_site.label_seq_id 
_atom_site.pdbx_PDB_ins_code 
_atom_site.Cartn_x 
_atom_site.Cartn_y 
_atom_site.Cartn_z 
_atom_site.occupancy 
_atom_site.B_iso_or_equiv 
_atom_site.pdbx_formal_charge 
_atom_site.auth_seq_id 
_atom_site.auth_comp_id 
_atom_site.auth_asym_id 
_atom_site.auth_atom_id 
_atom_site.pdbx_PDB_model_num 
ATOM   1   N N   . ARG A 1 3  ? 4.538   -2.722  9.522   1.00 37.38 ? 3    ARG A N   1 
ATOM   2   C CA  . ARG A 1 3  ? 4.631   -3.139  8.104   1.00 38.10 ? 3    ARG A CA  1 
ATOM   3   C C   . ARG A 1 3  ? 5.643   -2.302  7.333   1.00 36.11 ? 3    ARG A C   1 
ATOM   4   O O   . ARG A 1 3  ? 5.879   -1.108  7.643   1.00 35.73 ? 3    ARG A O   1 
ATOM   5   C CB  . ARG A 1 3  ? 3.260   -3.068  7.406   1.00 37.82 ? 3    ARG A CB  1 
ATOM   6   C CG  . ARG A 1 3  ? 2.261   -4.095  7.957   1.00 40.39 ? 3    ARG A CG  1 
ATOM   7   C CD  . ARG A 1 3  ? 0.906   -4.092  7.201   1.00 41.44 ? 3    ARG A CD  1 
ATOM   8   N NE  . ARG A 1 3  ? 0.020   -2.985  7.575   1.00 45.92 ? 3    ARG A NE  1 
ATOM   9   C CZ  . ARG A 1 3  ? -0.642  -2.886  8.728   1.00 47.92 ? 3    ARG A CZ  1 
ATOM   10  N NH1 . ARG A 1 3  ? -0.534  -3.831  9.658   1.00 50.72 ? 3    ARG A NH1 1 
ATOM   11  N NH2 . ARG A 1 3  ? -1.416  -1.831  8.956   1.00 49.45 ? 3    ARG A NH2 1 
ATOM   12  N N   . GLY A 1 4  ? 6.243   -2.962  6.337   1.00 34.44 ? 4    GLY A N   1 
ATOM   13  C CA  . GLY A 1 4  ? 6.983   -2.298  5.291   1.00 30.86 ? 4    GLY A CA  1 
ATOM   14  C C   . GLY A 1 4  ? 6.049   -1.306  4.602   1.00 29.20 ? 4    GLY A C   1 
ATOM   15  O O   . GLY A 1 4  ? 6.433   -0.164  4.346   1.00 27.43 ? 4    GLY A O   1 
ATOM   16  N N   . VAL A 1 5  ? 4.825   -1.733  4.290   1.00 27.24 ? 5    VAL A N   1 
ATOM   17  C CA  . VAL A 1 5  ? 3.927   -0.860  3.500   1.00 27.11 ? 5    VAL A CA  1 
ATOM   18  C C   . VAL A 1 5  ? 3.506   0.368   4.319   1.00 26.96 ? 5    VAL A C   1 
ATOM   19  O O   . VAL A 1 5  ? 3.319   1.437   3.765   1.00 26.35 ? 5    VAL A O   1 
ATOM   20  C CB  . VAL A 1 5  ? 2.713   -1.640  2.911   1.00 26.92 ? 5    VAL A CB  1 
ATOM   21  C CG1 . VAL A 1 5  ? 1.685   -2.100  4.019   1.00 27.09 ? 5    VAL A CG1 1 
ATOM   22  C CG2 . VAL A 1 5  ? 2.063   -0.873  1.764   1.00 29.30 ? 5    VAL A CG2 1 
ATOM   23  N N   . VAL A 1 6  ? 3.374   0.211   5.641   1.00 26.74 ? 6    VAL A N   1 
ATOM   24  C CA  . VAL A 1 6  ? 3.013   1.367   6.486   1.00 26.33 ? 6    VAL A CA  1 
ATOM   25  C C   . VAL A 1 6  ? 4.169   2.370   6.468   1.00 26.43 ? 6    VAL A C   1 
ATOM   26  O O   . VAL A 1 6  ? 3.981   3.568   6.256   1.00 24.57 ? 6    VAL A O   1 
ATOM   27  C CB  . VAL A 1 6  ? 2.633   0.919   7.927   1.00 27.02 ? 6    VAL A CB  1 
ATOM   28  C CG1 . VAL A 1 6  ? 2.449   2.145   8.884   1.00 26.37 ? 6    VAL A CG1 1 
ATOM   29  C CG2 . VAL A 1 6  ? 1.388   0.055   7.886   1.00 26.92 ? 6    VAL A CG2 1 
ATOM   30  N N   . ASP A 1 7  ? 5.396   1.873   6.666   1.00 26.21 ? 7    ASP A N   1 
ATOM   31  C CA  A ASP A 1 7  ? 6.561   2.733   6.587   0.60 26.40 ? 7    ASP A CA  1 
ATOM   32  C CA  B ASP A 1 7  ? 6.573   2.731   6.593   0.40 25.80 ? 7    ASP A CA  1 
ATOM   33  C C   . ASP A 1 7  ? 6.613   3.488   5.262   1.00 26.03 ? 7    ASP A C   1 
ATOM   34  O O   . ASP A 1 7  ? 6.859   4.688   5.236   1.00 26.32 ? 7    ASP A O   1 
ATOM   35  C CB  A ASP A 1 7  ? 7.846   1.920   6.739   0.60 27.29 ? 7    ASP A CB  1 
ATOM   36  C CB  B ASP A 1 7  ? 7.862   1.907   6.791   0.40 26.00 ? 7    ASP A CB  1 
ATOM   37  C CG  A ASP A 1 7  ? 9.035   2.796   6.972   0.60 29.38 ? 7    ASP A CG  1 
ATOM   38  C CG  B ASP A 1 7  ? 7.990   1.341   8.205   0.40 25.10 ? 7    ASP A CG  1 
ATOM   39  O OD1 A ASP A 1 7  ? 9.062   3.475   8.027   0.60 33.40 ? 7    ASP A OD1 1 
ATOM   40  O OD1 B ASP A 1 7  ? 7.386   1.901   9.144   0.40 24.11 ? 7    ASP A OD1 1 
ATOM   41  O OD2 A ASP A 1 7  ? 9.927   2.827   6.102   0.60 31.68 ? 7    ASP A OD2 1 
ATOM   42  O OD2 B ASP A 1 7  ? 8.710   0.331   8.384   0.40 27.11 ? 7    ASP A OD2 1 
ATOM   43  N N   . SER A 1 8  ? 6.370   2.773   4.161   1.00 25.82 ? 8    SER A N   1 
ATOM   44  C CA  . SER A 1 8  ? 6.502   3.337   2.824   1.00 25.72 ? 8    SER A CA  1 
ATOM   45  C C   . SER A 1 8  ? 5.376   4.286   2.365   1.00 25.37 ? 8    SER A C   1 
ATOM   46  O O   . SER A 1 8  ? 5.665   5.255   1.646   1.00 26.06 ? 8    SER A O   1 
ATOM   47  C CB  . SER A 1 8  ? 6.682   2.205   1.786   1.00 25.92 ? 8    SER A CB  1 
ATOM   48  O OG  . SER A 1 8  ? 8.037   1.734   1.835   1.00 27.95 ? 8    SER A OG  1 
ATOM   49  N N   . CYS A 1 9  ? 4.129   3.978   2.743   1.00 24.84 ? 9    CYS A N   1 
ATOM   50  C CA  . CYS A 1 9  ? 2.906   4.610   2.181   1.00 26.20 ? 9    CYS A CA  1 
ATOM   51  C C   . CYS A 1 9  ? 2.055   5.352   3.210   1.00 25.00 ? 9    CYS A C   1 
ATOM   52  O O   . CYS A 1 9  ? 1.108   6.080   2.846   1.00 24.44 ? 9    CYS A O   1 
ATOM   53  C CB  . CYS A 1 9  ? 2.061   3.554   1.462   1.00 26.91 ? 9    CYS A CB  1 
ATOM   54  S SG  . CYS A 1 9  ? 2.914   2.823   0.031   1.00 28.31 ? 9    CYS A SG  1 
ATOM   55  N N   . CYS A 1 10 ? 2.373   5.176   4.499   1.00 24.84 ? 10   CYS A N   1 
ATOM   56  C CA  . CYS A 1 10 ? 1.648   5.886   5.572   1.00 25.21 ? 10   CYS A CA  1 
ATOM   57  C C   . CYS A 1 10 ? 2.565   6.863   6.275   1.00 25.45 ? 10   CYS A C   1 
ATOM   58  O O   . CYS A 1 10 ? 2.199   8.028   6.487   1.00 25.17 ? 10   CYS A O   1 
ATOM   59  C CB  . CYS A 1 10 ? 1.021   4.882   6.572   1.00 25.28 ? 10   CYS A CB  1 
ATOM   60  S SG  . CYS A 1 10 ? 0.487   5.549   8.173   1.00 26.39 ? 10   CYS A SG  1 
ATOM   61  N N   . ARG A 1 11 ? 3.737   6.375   6.706   1.00 25.10 ? 11   ARG A N   1 
ATOM   62  C CA  . ARG A 1 11 ? 4.750   7.223   7.349   1.00 25.78 ? 11   ARG A CA  1 
ATOM   63  C C   . ARG A 1 11 ? 5.484   8.118   6.341   1.00 25.66 ? 11   ARG A C   1 
ATOM   64  O O   . ARG A 1 11 ? 6.204   9.061   6.717   1.00 25.63 ? 11   ARG A O   1 
ATOM   65  C CB  . ARG A 1 11 ? 5.748   6.365   8.155   1.00 26.06 ? 11   ARG A CB  1 
ATOM   66  C CG  . ARG A 1 11 ? 5.089   5.392   9.171   1.00 27.41 ? 11   ARG A CG  1 
ATOM   67  C CD  . ARG A 1 11 ? 6.129   4.763   10.162  1.00 27.54 ? 11   ARG A CD  1 
ATOM   68  N NE  . ARG A 1 11 ? 6.601   5.848   10.967  1.00 33.28 ? 11   ARG A NE  1 
ATOM   69  C CZ  . ARG A 1 11 ? 6.343   6.037   12.263  1.00 29.91 ? 11   ARG A CZ  1 
ATOM   70  N NH1 . ARG A 1 11 ? 5.730   5.120   13.026  1.00 29.05 ? 11   ARG A NH1 1 
ATOM   71  N NH2 . ARG A 1 11 ? 6.817   7.125   12.811  1.00 36.04 ? 11   ARG A NH2 1 
ATOM   72  N N   . ASN A 1 12 ? 5.310   7.789   5.066   1.00 25.14 ? 12   ASN A N   1 
ATOM   73  C CA  . ASN A 1 12 ? 5.796   8.549   3.938   1.00 26.89 ? 12   ASN A CA  1 
ATOM   74  C C   . ASN A 1 12 ? 4.795   8.405   2.806   1.00 27.03 ? 12   ASN A C   1 
ATOM   75  O O   . ASN A 1 12 ? 3.948   7.520   2.848   1.00 26.34 ? 12   ASN A O   1 
ATOM   76  C CB  . ASN A 1 12 ? 7.157   8.006   3.485   1.00 27.10 ? 12   ASN A CB  1 
ATOM   77  C CG  . ASN A 1 12 ? 8.226   8.239   4.520   1.00 30.14 ? 12   ASN A CG  1 
ATOM   78  O OD1 . ASN A 1 12 ? 8.709   9.365   4.666   1.00 33.81 ? 12   ASN A OD1 1 
ATOM   79  N ND2 . ASN A 1 12 ? 8.566   7.198   5.293   1.00 31.70 ? 12   ASN A ND2 1 
ATOM   80  N N   . SER A 1 13 ? 4.882   9.252   1.790   1.00 26.72 ? 13   SER A N   1 
ATOM   81  C CA  . SER A 1 13 ? 4.045   9.001   0.624   1.00 27.26 ? 13   SER A CA  1 
ATOM   82  C C   . SER A 1 13 ? 4.765   7.960   -0.260  1.00 26.43 ? 13   SER A C   1 
ATOM   83  O O   . SER A 1 13 ? 5.997   7.808   -0.198  1.00 25.18 ? 13   SER A O   1 
ATOM   84  C CB  . SER A 1 13 ? 3.749   10.290  -0.148  1.00 27.93 ? 13   SER A CB  1 
ATOM   85  O OG  . SER A 1 13 ? 4.934   10.887  -0.684  1.00 30.53 ? 13   SER A OG  1 
ATOM   86  N N   . CYS A 1 14 ? 4.000   7.228   -1.062  1.00 25.89 ? 14   CYS A N   1 
ATOM   87  C CA  . CYS A 1 14 ? 4.633   6.315   -2.012  1.00 27.06 ? 14   CYS A CA  1 
ATOM   88  C C   . CYS A 1 14 ? 3.994   6.408   -3.375  1.00 26.69 ? 14   CYS A C   1 
ATOM   89  O O   . CYS A 1 14 ? 2.862   6.871   -3.493  1.00 28.40 ? 14   CYS A O   1 
ATOM   90  C CB  . CYS A 1 14 ? 4.557   4.874   -1.490  1.00 27.59 ? 14   CYS A CB  1 
ATOM   91  S SG  . CYS A 1 14 ? 2.836   4.291   -1.395  1.00 28.51 ? 14   CYS A SG  1 
ATOM   92  N N   . SER A 1 15 ? 4.714   5.964   -4.404  1.00 27.36 ? 15   SER A N   1 
ATOM   93  C CA  . SER A 1 15 ? 4.164   5.857   -5.752  1.00 26.18 ? 15   SER A CA  1 
ATOM   94  C C   . SER A 1 15 ? 3.200   4.677   -5.792  1.00 26.34 ? 15   SER A C   1 
ATOM   95  O O   . SER A 1 15 ? 3.278   3.760   -4.960  1.00 25.53 ? 15   SER A O   1 
ATOM   96  C CB  . SER A 1 15 ? 5.287   5.636   -6.773  1.00 26.72 ? 15   SER A CB  1 
ATOM   97  O OG  . SER A 1 15 ? 5.811   4.334   -6.655  1.00 22.82 ? 15   SER A OG  1 
ATOM   98  N N   . PHE A 1 16 ? 2.324   4.656   -6.790  1.00 25.57 ? 16   PHE A N   1 
ATOM   99  C CA  . PHE A 1 16 ? 1.414   3.519   -6.904  1.00 26.48 ? 16   PHE A CA  1 
ATOM   100 C C   . PHE A 1 16 ? 2.181   2.202   -7.124  1.00 26.28 ? 16   PHE A C   1 
ATOM   101 O O   . PHE A 1 16 ? 1.787   1.180   -6.588  1.00 25.81 ? 16   PHE A O   1 
ATOM   102 C CB  . PHE A 1 16 ? 0.412   3.728   -8.028  1.00 26.60 ? 16   PHE A CB  1 
ATOM   103 C CG  . PHE A 1 16 ? -0.632  2.638   -8.125  1.00 27.87 ? 16   PHE A CG  1 
ATOM   104 C CD1 . PHE A 1 16 ? -1.717  2.603   -7.242  1.00 30.51 ? 16   PHE A CD1 1 
ATOM   105 C CD2 . PHE A 1 16 ? -0.539  1.656   -9.107  1.00 30.62 ? 16   PHE A CD2 1 
ATOM   106 C CE1 . PHE A 1 16 ? -2.689  1.592   -7.342  1.00 27.89 ? 16   PHE A CE1 1 
ATOM   107 C CE2 . PHE A 1 16 ? -1.508  0.651   -9.204  1.00 31.82 ? 16   PHE A CE2 1 
ATOM   108 C CZ  . PHE A 1 16 ? -2.582  0.630   -8.304  1.00 29.16 ? 16   PHE A CZ  1 
ATOM   109 N N   . SER A 1 17 ? 3.266   2.255   -7.904  1.00 25.37 ? 17   SER A N   1 
ATOM   110 C CA  . SER A 1 17 ? 4.069   1.068   -8.175  1.00 25.72 ? 17   SER A CA  1 
ATOM   111 C C   . SER A 1 17 ? 4.717   0.524   -6.909  1.00 25.33 ? 17   SER A C   1 
ATOM   112 O O   . SER A 1 17 ? 4.878   -0.684  -6.788  1.00 25.40 ? 17   SER A O   1 
ATOM   113 C CB  . SER A 1 17 ? 5.086   1.292   -9.309  1.00 25.12 ? 17   SER A CB  1 
ATOM   114 O OG  . SER A 1 17 ? 6.006   2.302   -8.936  1.00 28.95 ? 17   SER A OG  1 
ATOM   115 N N   . THR A 1 18 ? 5.044   1.393   -5.949  1.00 23.88 ? 18   THR A N   1 
ATOM   116 C CA  . THR A 1 18 ? 5.592   0.966   -4.663  1.00 25.01 ? 18   THR A CA  1 
ATOM   117 C C   . THR A 1 18 ? 4.524   0.230   -3.848  1.00 25.18 ? 18   THR A C   1 
ATOM   118 O O   . THR A 1 18 ? 4.772   -0.851  -3.283  1.00 25.31 ? 18   THR A O   1 
ATOM   119 C CB  . THR A 1 18 ? 6.197   2.164   -3.874  1.00 25.32 ? 18   THR A CB  1 
ATOM   120 O OG1 . THR A 1 18 ? 7.244   2.773   -4.652  1.00 26.50 ? 18   THR A OG1 1 
ATOM   121 C CG2 . THR A 1 18 ? 6.780   1.687   -2.569  1.00 26.96 ? 18   THR A CG2 1 
ATOM   122 N N   . LEU A 1 19 ? 3.330   0.803   -3.787  1.00 24.88 ? 19   LEU A N   1 
ATOM   123 C CA  A LEU A 1 19 ? 2.208   0.135   -3.106  0.60 24.69 ? 19   LEU A CA  1 
ATOM   124 C CA  B LEU A 1 19 ? 2.204   0.145   -3.109  0.40 25.11 ? 19   LEU A CA  1 
ATOM   125 C C   . LEU A 1 19 ? 1.997   -1.262  -3.663  1.00 25.44 ? 19   LEU A C   1 
ATOM   126 O O   . LEU A 1 19 ? 1.889   -2.233  -2.919  1.00 25.70 ? 19   LEU A O   1 
ATOM   127 C CB  A LEU A 1 19 ? 0.928   0.944   -3.266  0.60 24.09 ? 19   LEU A CB  1 
ATOM   128 C CB  B LEU A 1 19 ? 0.932   0.975   -3.287  0.40 24.96 ? 19   LEU A CB  1 
ATOM   129 C CG  A LEU A 1 19 ? -0.314  0.388   -2.536  0.60 21.71 ? 19   LEU A CG  1 
ATOM   130 C CG  B LEU A 1 19 ? -0.381  0.482   -2.654  0.40 24.86 ? 19   LEU A CG  1 
ATOM   131 C CD1 A LEU A 1 19 ? -0.266  0.719   -1.073  0.60 21.82 ? 19   LEU A CD1 1 
ATOM   132 C CD1 B LEU A 1 19 ? -1.401  1.615   -2.737  0.40 26.46 ? 19   LEU A CD1 1 
ATOM   133 C CD2 A LEU A 1 19 ? -1.570  1.002   -3.207  0.60 20.65 ? 19   LEU A CD2 1 
ATOM   134 C CD2 B LEU A 1 19 ? -0.920  -0.742  -3.381  0.40 24.55 ? 19   LEU A CD2 1 
ATOM   135 N N   . ARG A 1 20 ? 1.961   -1.352  -4.984  1.00 25.79 ? 20   ARG A N   1 
ATOM   136 C CA  . ARG A 1 20 ? 1.781   -2.612  -5.713  1.00 27.65 ? 20   ARG A CA  1 
ATOM   137 C C   . ARG A 1 20 ? 2.877   -3.637  -5.407  1.00 27.28 ? 20   ARG A C   1 
ATOM   138 O O   . ARG A 1 20 ? 2.624   -4.828  -5.369  1.00 26.39 ? 20   ARG A O   1 
ATOM   139 C CB  . ARG A 1 20 ? 1.789   -2.327  -7.213  1.00 27.06 ? 20   ARG A CB  1 
ATOM   140 C CG  . ARG A 1 20 ? 0.498   -1.754  -7.765  1.00 32.83 ? 20   ARG A CG  1 
ATOM   141 C CD  . ARG A 1 20 ? -0.516  -2.830  -8.058  1.00 38.20 ? 20   ARG A CD  1 
ATOM   142 N NE  . ARG A 1 20 ? 0.005   -3.836  -8.981  1.00 43.11 ? 20   ARG A NE  1 
ATOM   143 C CZ  . ARG A 1 20 ? -0.416  -5.098  -9.038  1.00 44.75 ? 20   ARG A CZ  1 
ATOM   144 N NH1 . ARG A 1 20 ? -1.351  -5.521  -8.209  1.00 47.65 ? 20   ARG A NH1 1 
ATOM   145 N NH2 . ARG A 1 20 ? 0.107   -5.948  -9.918  1.00 47.14 ? 20   ARG A NH2 1 
ATOM   146 N N   . ALA A 1 21 ? 4.093   -3.163  -5.172  1.00 27.96 ? 21   ALA A N   1 
ATOM   147 C CA  . ALA A 1 21 ? 5.216   -4.048  -4.874  1.00 27.49 ? 21   ALA A CA  1 
ATOM   148 C C   . ALA A 1 21 ? 5.060   -4.705  -3.507  1.00 27.41 ? 21   ALA A C   1 
ATOM   149 O O   . ALA A 1 21 ? 5.695   -5.697  -3.216  1.00 26.04 ? 21   ALA A O   1 
ATOM   150 C CB  . ALA A 1 21 ? 6.535   -3.261  -4.934  1.00 27.48 ? 21   ALA A CB  1 
ATOM   151 N N   . TYR A 1 22 ? 4.242   -4.110  -2.645  1.00 26.89 ? 22   TYR A N   1 
ATOM   152 C CA  . TYR A 1 22 ? 4.004   -4.699  -1.350  1.00 27.00 ? 22   TYR A CA  1 
ATOM   153 C C   . TYR A 1 22 ? 2.907   -5.764  -1.350  1.00 26.83 ? 22   TYR A C   1 
ATOM   154 O O   . TYR A 1 22 ? 2.661   -6.380  -0.312  1.00 27.43 ? 22   TYR A O   1 
ATOM   155 C CB  . TYR A 1 22 ? 3.725   -3.605  -0.307  1.00 26.44 ? 22   TYR A CB  1 
ATOM   156 C CG  . TYR A 1 22 ? 4.985   -2.926  0.189   1.00 27.06 ? 22   TYR A CG  1 
ATOM   157 C CD1 . TYR A 1 22 ? 5.327   -1.656  -0.251  1.00 26.22 ? 22   TYR A CD1 1 
ATOM   158 C CD2 . TYR A 1 22 ? 5.805   -3.546  1.132   1.00 25.43 ? 22   TYR A CD2 1 
ATOM   159 C CE1 . TYR A 1 22 ? 6.489   -1.021  0.201   1.00 28.03 ? 22   TYR A CE1 1 
ATOM   160 C CE2 . TYR A 1 22 ? 6.941   -2.930  1.610   1.00 26.46 ? 22   TYR A CE2 1 
ATOM   161 C CZ  . TYR A 1 22 ? 7.273   -1.652  1.147   1.00 26.43 ? 22   TYR A CZ  1 
ATOM   162 O OH  . TYR A 1 22 ? 8.409   -1.041  1.643   1.00 26.77 ? 22   TYR A OH  1 
ATOM   163 N N   . CYS A 1 23 ? 2.270   -5.995  -2.503  1.00 26.74 ? 23   CYS A N   1 
ATOM   164 C CA  . CYS A 1 23 ? 1.302   -7.084  -2.666  1.00 27.58 ? 23   CYS A CA  1 
ATOM   165 C C   . CYS A 1 23 ? 2.006   -8.436  -2.659  1.00 28.68 ? 23   CYS A C   1 
ATOM   166 O O   . CYS A 1 23 ? 3.192   -8.535  -3.025  1.00 29.20 ? 23   CYS A O   1 
ATOM   167 C CB  . CYS A 1 23 ? 0.537   -6.977  -4.000  1.00 27.52 ? 23   CYS A CB  1 
ATOM   168 S SG  . CYS A 1 23 ? -0.387  -5.401  -4.259  1.00 25.92 ? 23   CYS A SG  1 
ATOM   169 N N   . ASP A 1 24 ? 1.272   -9.462  -2.259  1.00 29.34 ? 24   ASP A N   1 
ATOM   170 C CA  . ASP A 1 24 ? 1.724   -10.852 -2.425  1.00 30.81 ? 24   ASP A CA  1 
ATOM   171 C C   . ASP A 1 24 ? 1.691   -11.275 -3.885  1.00 31.04 ? 24   ASP A C   1 
ATOM   172 O O   . ASP A 1 24 ? 0.862   -10.796 -4.653  1.00 31.40 ? 24   ASP A O   1 
ATOM   173 C CB  . ASP A 1 24 ? 0.874   -11.796 -1.586  1.00 30.99 ? 24   ASP A CB  1 
ATOM   174 C CG  . ASP A 1 24 ? 1.158   -11.663 -0.109  1.00 33.14 ? 24   ASP A CG  1 
ATOM   175 O OD1 . ASP A 1 24 ? 2.148   -10.983 0.246   1.00 34.99 ? 24   ASP A OD1 1 
ATOM   176 O OD2 . ASP A 1 24 ? 0.399   -12.234 0.698   1.00 34.78 ? 24   ASP A OD2 1 
ATOM   177 N N   . SER A 1 25 ? 2.643   -12.111 -4.274  1.00 31.24 ? 25   SER A N   1 
ATOM   178 C CA  . SER A 1 25 ? 2.604   -12.788 -5.558  1.00 32.70 ? 25   SER A CA  1 
ATOM   179 C C   . SER A 1 25 ? 2.971   -14.233 -5.300  1.00 33.26 ? 25   SER A C   1 
ATOM   180 O O   . SER A 1 25 ? 3.521   -14.509 -4.232  1.00 33.96 ? 25   SER A O   1 
ATOM   181 C CB  . SER A 1 25 ? 3.572   -12.165 -6.568  1.00 33.77 ? 25   SER A CB  1 
ATOM   182 O OG  . SER A 1 25 ? 4.771   -11.699 -5.970  1.00 32.95 ? 25   SER A OG  1 
ATOM   183 O OXT . SER A 1 25 ? 2.759   -15.139 -6.110  1.00 33.42 ? 25   SER A OXT 1 
ATOM   184 N N   . ASN B 2 1  ? 2.298   13.137  -7.890  1.00 29.99 ? 1    ASN B N   1 
ATOM   185 C CA  . ASN B 2 1  ? 2.322   11.701  -8.281  1.00 29.99 ? 1    ASN B CA  1 
ATOM   186 C C   . ASN B 2 1  ? 2.625   10.776  -7.096  1.00 30.44 ? 1    ASN B C   1 
ATOM   187 O O   . ASN B 2 1  ? 3.518   9.916   -7.128  1.00 31.12 ? 1    ASN B O   1 
ATOM   188 C CB  . ASN B 2 1  ? 3.344   11.476  -9.402  1.00 30.65 ? 1    ASN B CB  1 
ATOM   189 C CG  . ASN B 2 1  ? 3.330   10.038  -9.928  1.00 30.88 ? 1    ASN B CG  1 
ATOM   190 O OD1 . ASN B 2 1  ? 4.233   9.631   -10.648 1.00 33.52 ? 1    ASN B OD1 1 
ATOM   191 N ND2 . ASN B 2 1  ? 2.306   9.272   -9.557  1.00 30.84 ? 1    ASN B ND2 1 
ATOM   192 N N   . SER B 2 2  ? 1.863   10.927  -6.035  1.00 30.15 ? 2    SER B N   1 
ATOM   193 C CA  . SER B 2 2  ? 2.174   10.161  -4.845  1.00 29.01 ? 2    SER B CA  1 
ATOM   194 C C   . SER B 2 2  ? 0.865   9.772   -4.257  1.00 27.78 ? 2    SER B C   1 
ATOM   195 O O   . SER B 2 2  ? -0.167  10.351  -4.591  1.00 27.45 ? 2    SER B O   1 
ATOM   196 C CB  . SER B 2 2  ? 2.965   11.030  -3.856  1.00 29.22 ? 2    SER B CB  1 
ATOM   197 O OG  . SER B 2 2  ? 2.127   12.040  -3.292  1.00 31.30 ? 2    SER B OG  1 
ATOM   198 N N   . LEU B 2 3  ? 0.887   8.775   -3.382  1.00 26.24 ? 3    LEU B N   1 
ATOM   199 C CA  . LEU B 2 3  ? -0.280  8.533   -2.562  1.00 25.91 ? 3    LEU B CA  1 
ATOM   200 C C   . LEU B 2 3  ? 0.160   8.403   -1.110  1.00 25.36 ? 3    LEU B C   1 
ATOM   201 O O   . LEU B 2 3  ? 1.342   8.144   -0.813  1.00 24.73 ? 3    LEU B O   1 
ATOM   202 C CB  . LEU B 2 3  ? -1.039  7.298   -3.058  1.00 26.68 ? 3    LEU B CB  1 
ATOM   203 C CG  . LEU B 2 3  ? -0.323  5.954   -2.863  1.00 26.49 ? 3    LEU B CG  1 
ATOM   204 C CD1 . LEU B 2 3  ? -0.708  5.327   -1.482  1.00 29.64 ? 3    LEU B CD1 1 
ATOM   205 C CD2 . LEU B 2 3  ? -0.653  5.021   -4.051  1.00 29.02 ? 3    LEU B CD2 1 
ATOM   206 N N   . ARG B 2 4  ? -0.758  8.676   -0.202  1.00 24.47 ? 4    ARG B N   1 
ATOM   207 C CA  . ARG B 2 4  ? -0.473  8.496   1.212   1.00 25.55 ? 4    ARG B CA  1 
ATOM   208 C C   . ARG B 2 4  ? -1.741  8.019   1.864   1.00 25.86 ? 4    ARG B C   1 
ATOM   209 O O   . ARG B 2 4  ? -2.796  8.635   1.691   1.00 23.67 ? 4    ARG B O   1 
ATOM   210 C CB  . ARG B 2 4  ? -0.026  9.794   1.847   1.00 26.31 ? 4    ARG B CB  1 
ATOM   211 C CG  . ARG B 2 4  ? 0.571   9.570   3.213   1.00 29.11 ? 4    ARG B CG  1 
ATOM   212 C CD  . ARG B 2 4  ? 1.563   10.654  3.491   1.00 32.66 ? 4    ARG B CD  1 
ATOM   213 N NE  . ARG B 2 4  ? 2.207   10.368  4.751   1.00 30.71 ? 4    ARG B NE  1 
ATOM   214 C CZ  . ARG B 2 4  ? 3.056   11.172  5.341   1.00 29.45 ? 4    ARG B CZ  1 
ATOM   215 N NH1 . ARG B 2 4  ? 3.325   12.352  4.798   1.00 31.23 ? 4    ARG B NH1 1 
ATOM   216 N NH2 . ARG B 2 4  ? 3.576   10.812  6.504   1.00 26.73 ? 4    ARG B NH2 1 
ATOM   217 N N   . ALA B 2 5  ? -1.642  6.924   2.607   1.00 25.60 ? 5    ALA B N   1 
ATOM   218 C CA  . ALA B 2 5  ? -2.810  6.341   3.251   1.00 26.92 ? 5    ALA B CA  1 
ATOM   219 C C   . ALA B 2 5  ? -2.387  5.622   4.497   1.00 26.88 ? 5    ALA B C   1 
ATOM   220 O O   . ALA B 2 5  ? -1.382  4.931   4.481   1.00 25.21 ? 5    ALA B O   1 
ATOM   221 C CB  . ALA B 2 5  ? -3.486  5.370   2.307   1.00 28.11 ? 5    ALA B CB  1 
ATOM   222 N N   . CYS B 2 6  ? -3.168  5.809   5.561   1.00 26.53 ? 6    CYS B N   1 
ATOM   223 C CA  . CYS B 2 6  ? -2.953  5.177   6.842   1.00 26.93 ? 6    CYS B CA  1 
ATOM   224 C C   . CYS B 2 6  ? -4.226  4.492   7.318   1.00 27.60 ? 6    CYS B C   1 
ATOM   225 O O   . CYS B 2 6  ? -5.351  4.852   6.898   1.00 27.80 ? 6    CYS B O   1 
ATOM   226 C CB  . CYS B 2 6  ? -2.519  6.203   7.908   1.00 27.26 ? 6    CYS B CB  1 
ATOM   227 S SG  . CYS B 2 6  ? -0.882  6.959   7.635   1.00 27.08 ? 6    CYS B SG  1 
ATOM   228 N N   . GLY B 2 7  ? -4.050  3.542   8.238   1.00 27.31 ? 7    GLY B N   1 
ATOM   229 C CA  . GLY B 2 7  ? -5.178  2.818   8.832   1.00 26.22 ? 7    GLY B CA  1 
ATOM   230 C C   . GLY B 2 7  ? -6.040  2.073   7.818   1.00 25.97 ? 7    GLY B C   1 
ATOM   231 O O   . GLY B 2 7  ? -5.509  1.545   6.826   1.00 25.27 ? 7    GLY B O   1 
ATOM   232 N N   . PRO B 2 8  ? -7.383  2.044   8.041   1.00 24.92 ? 8    PRO B N   1 
ATOM   233 C CA  . PRO B 2 8  ? -8.296  1.251   7.223   1.00 24.21 ? 8    PRO B CA  1 
ATOM   234 C C   . PRO B 2 8  ? -8.242  1.636   5.730   1.00 24.15 ? 8    PRO B C   1 
ATOM   235 O O   . PRO B 2 8  ? -8.413  0.771   4.871   1.00 23.02 ? 8    PRO B O   1 
ATOM   236 C CB  . PRO B 2 8  ? -9.674  1.559   7.812   1.00 24.19 ? 8    PRO B CB  1 
ATOM   237 C CG  . PRO B 2 8  ? -9.424  2.055   9.180   1.00 26.34 ? 8    PRO B CG  1 
ATOM   238 C CD  . PRO B 2 8  ? -8.093  2.769   9.114   1.00 25.37 ? 8    PRO B CD  1 
ATOM   239 N N   . ALA B 2 9  ? -7.984  2.914   5.438   1.00 24.09 ? 9    ALA B N   1 
ATOM   240 C CA  . ALA B 2 9  ? -7.853  3.397   4.043   1.00 23.79 ? 9    ALA B CA  1 
ATOM   241 C C   . ALA B 2 9  ? -6.724  2.695   3.294   1.00 23.80 ? 9    ALA B C   1 
ATOM   242 O O   . ALA B 2 9  ? -6.865  2.308   2.124   1.00 22.45 ? 9    ALA B O   1 
ATOM   243 C CB  . ALA B 2 9  ? -7.655  4.934   4.022   1.00 24.75 ? 9    ALA B CB  1 
ATOM   244 N N   . LEU B 2 10 ? -5.602  2.503   3.984   1.00 24.72 ? 10   LEU B N   1 
ATOM   245 C CA  . LEU B 2 10 ? -4.452  1.816   3.406   1.00 24.30 ? 10   LEU B CA  1 
ATOM   246 C C   . LEU B 2 10 ? -4.800  0.337   3.176   1.00 24.33 ? 10   LEU B C   1 
ATOM   247 O O   . LEU B 2 10 ? -4.479  -0.236  2.119   1.00 21.92 ? 10   LEU B O   1 
ATOM   248 C CB  . LEU B 2 10 ? -3.216  1.991   4.285   1.00 24.36 ? 10   LEU B CB  1 
ATOM   249 C CG  . LEU B 2 10 ? -1.955  1.290   3.736   1.00 25.82 ? 10   LEU B CG  1 
ATOM   250 C CD1 . LEU B 2 10 ? -1.533  1.871   2.378   1.00 27.96 ? 10   LEU B CD1 1 
ATOM   251 C CD2 . LEU B 2 10 ? -0.802  1.386   4.752   1.00 25.57 ? 10   LEU B CD2 1 
ATOM   252 N N   . MET B 2 11 ? -5.494  -0.258  4.136   1.00 23.54 ? 11   MET B N   1 
ATOM   253 C CA  . MET B 2 11 ? -5.920  -1.649  3.997   1.00 25.01 ? 11   MET B CA  1 
ATOM   254 C C   . MET B 2 11 ? -6.875  -1.789  2.808   1.00 24.29 ? 11   MET B C   1 
ATOM   255 O O   . MET B 2 11 ? -6.754  -2.736  2.015   1.00 22.53 ? 11   MET B O   1 
ATOM   256 C CB  . MET B 2 11 ? -6.588  -2.158  5.281   1.00 25.22 ? 11   MET B CB  1 
ATOM   257 C CG  . MET B 2 11 ? -5.664  -2.169  6.460   1.00 29.95 ? 11   MET B CG  1 
ATOM   258 S SD  . MET B 2 11 ? -4.382  -3.451  6.299   1.00 40.73 ? 11   MET B SD  1 
ATOM   259 C CE  . MET B 2 11 ? -3.033  -2.442  5.672   1.00 35.36 ? 11   MET B CE  1 
ATOM   260 N N   . ASP B 2 12 ? -7.802  -0.833  2.673   1.00 23.68 ? 12   ASP B N   1 
ATOM   261 C CA  . ASP B 2 12 ? -8.749  -0.877  1.553   1.00 24.80 ? 12   ASP B CA  1 
ATOM   262 C C   . ASP B 2 12 ? -8.029  -0.746  0.213   1.00 25.17 ? 12   ASP B C   1 
ATOM   263 O O   . ASP B 2 12 ? -8.387  -1.411  -0.773  1.00 24.52 ? 12   ASP B O   1 
ATOM   264 C CB  . ASP B 2 12 ? -9.801  0.236   1.669   1.00 25.01 ? 12   ASP B CB  1 
ATOM   265 C CG  . ASP B 2 12 ? -10.846 -0.023  2.772   1.00 28.95 ? 12   ASP B CG  1 
ATOM   266 O OD1 . ASP B 2 12 ? -11.220 -1.173  3.034   1.00 31.57 ? 12   ASP B OD1 1 
ATOM   267 O OD2 . ASP B 2 12 ? -11.322 0.960   3.358   1.00 33.58 ? 12   ASP B OD2 1 
ATOM   268 N N   . MET B 2 13 ? -7.024  0.125   0.164   1.00 24.90 ? 13   MET B N   1 
ATOM   269 C CA  A MET B 2 13 ? -6.251  0.342   -1.062  0.50 25.62 ? 13   MET B CA  1 
ATOM   270 C CA  B MET B 2 13 ? -6.302  0.300   -1.093  0.50 25.11 ? 13   MET B CA  1 
ATOM   271 C C   . MET B 2 13 ? -5.489  -0.921  -1.484  1.00 25.12 ? 13   MET B C   1 
ATOM   272 O O   . MET B 2 13 ? -5.501  -1.307  -2.641  1.00 25.27 ? 13   MET B O   1 
ATOM   273 C CB  A MET B 2 13 ? -5.310  1.537   -0.878  0.50 24.97 ? 13   MET B CB  1 
ATOM   274 C CB  B MET B 2 13 ? -5.491  1.599   -1.144  0.50 25.73 ? 13   MET B CB  1 
ATOM   275 C CG  A MET B 2 13 ? -6.083  2.867   -0.809  0.50 24.41 ? 13   MET B CG  1 
ATOM   276 C CG  B MET B 2 13 ? -6.103  2.581   -2.179  0.50 27.17 ? 13   MET B CG  1 
ATOM   277 S SD  A MET B 2 13 ? -5.105  4.239   -0.169  0.50 30.57 ? 13   MET B SD  1 
ATOM   278 S SD  B MET B 2 13 ? -6.027  1.892   -3.867  0.50 31.49 ? 13   MET B SD  1 
ATOM   279 C CE  A MET B 2 13 ? -4.285  4.769   -1.662  0.50 31.40 ? 13   MET B CE  1 
ATOM   280 C CE  B MET B 2 13 ? -4.805  2.948   -4.695  0.50 20.79 ? 13   MET B CE  1 
ATOM   281 N N   . LEU B 2 14 ? -4.824  -1.559  -0.520  1.00 24.40 ? 14   LEU B N   1 
ATOM   282 C CA  . LEU B 2 14 ? -4.139  -2.821  -0.794  1.00 24.49 ? 14   LEU B CA  1 
ATOM   283 C C   . LEU B 2 14 ? -5.145  -3.888  -1.229  1.00 24.59 ? 14   LEU B C   1 
ATOM   284 O O   . LEU B 2 14 ? -4.866  -4.721  -2.107  1.00 24.45 ? 14   LEU B O   1 
ATOM   285 C CB  . LEU B 2 14 ? -3.388  -3.276  0.446   1.00 24.81 ? 14   LEU B CB  1 
ATOM   286 C CG  . LEU B 2 14 ? -2.070  -2.562  0.776   1.00 26.58 ? 14   LEU B CG  1 
ATOM   287 C CD1 . LEU B 2 14 ? -1.633  -2.861  2.213   1.00 26.34 ? 14   LEU B CD1 1 
ATOM   288 C CD2 . LEU B 2 14 ? -0.952  -2.915  -0.230  1.00 24.28 ? 14   LEU B CD2 1 
ATOM   289 N N   . ARG B 2 15 ? -6.329  -3.875  -0.625  1.00 23.31 ? 15   ARG B N   1 
ATOM   290 C CA  . ARG B 2 15 ? -7.314  -4.864  -1.016  1.00 24.53 ? 15   ARG B CA  1 
ATOM   291 C C   . ARG B 2 15 ? -7.709  -4.749  -2.506  1.00 24.51 ? 15   ARG B C   1 
ATOM   292 O O   . ARG B 2 15 ? -7.826  -5.761  -3.175  1.00 24.42 ? 15   ARG B O   1 
ATOM   293 C CB  . ARG B 2 15 ? -8.534  -4.863  -0.090  1.00 23.22 ? 15   ARG B CB  1 
ATOM   294 C CG  . ARG B 2 15 ? -9.493  -5.989  -0.440  1.00 26.97 ? 15   ARG B CG  1 
ATOM   295 C CD  . ARG B 2 15 ? -10.402 -6.354  0.698   1.00 31.09 ? 15   ARG B CD  1 
ATOM   296 N NE  . ARG B 2 15 ? -11.109 -5.205  1.256   1.00 32.35 ? 15   ARG B NE  1 
ATOM   297 C CZ  . ARG B 2 15 ? -12.038 -5.303  2.199   1.00 32.04 ? 15   ARG B CZ  1 
ATOM   298 N NH1 . ARG B 2 15 ? -12.370 -6.484  2.688   1.00 32.59 ? 15   ARG B NH1 1 
ATOM   299 N NH2 . ARG B 2 15 ? -12.622 -4.214  2.661   1.00 34.96 ? 15   ARG B NH2 1 
ATOM   300 N N   . VAL B 2 16 ? -7.876  -3.532  -3.026  1.00 24.13 ? 16   VAL B N   1 
ATOM   301 C CA  . VAL B 2 16 ? -8.200  -3.395  -4.453  1.00 24.64 ? 16   VAL B CA  1 
ATOM   302 C C   . VAL B 2 16 ? -6.970  -3.419  -5.404  1.00 24.83 ? 16   VAL B C   1 
ATOM   303 O O   . VAL B 2 16 ? -7.090  -3.821  -6.570  1.00 24.70 ? 16   VAL B O   1 
ATOM   304 C CB  . VAL B 2 16 ? -9.098  -2.153  -4.769  1.00 25.94 ? 16   VAL B CB  1 
ATOM   305 C CG1 . VAL B 2 16 ? -10.472 -2.291  -4.122  1.00 23.66 ? 16   VAL B CG1 1 
ATOM   306 C CG2 . VAL B 2 16 ? -8.413  -0.843  -4.395  1.00 23.80 ? 16   VAL B CG2 1 
ATOM   307 N N   . ALA B 2 17 ? -5.817  -3.005  -4.898  1.00 23.77 ? 17   ALA B N   1 
ATOM   308 C CA  . ALA B 2 17 ? -4.604  -2.897  -5.703  1.00 25.26 ? 17   ALA B CA  1 
ATOM   309 C C   . ALA B 2 17 ? -3.913  -4.266  -5.891  1.00 25.50 ? 17   ALA B C   1 
ATOM   310 O O   . ALA B 2 17 ? -3.129  -4.459  -6.826  1.00 25.83 ? 17   ALA B O   1 
ATOM   311 C CB  . ALA B 2 17 ? -3.638  -1.869  -5.086  1.00 24.84 ? 17   ALA B CB  1 
ATOM   312 N N   . CYS B 2 18 ? -4.194  -5.209  -4.996  1.00 25.76 ? 18   CYS B N   1 
ATOM   313 C CA  . CYS B 2 18 ? -3.457  -6.487  -5.008  1.00 26.26 ? 18   CYS B CA  1 
ATOM   314 C C   . CYS B 2 18 ? -4.346  -7.630  -5.507  1.00 27.88 ? 18   CYS B C   1 
ATOM   315 O O   . CYS B 2 18 ? -5.292  -7.972  -4.834  1.00 27.71 ? 18   CYS B O   1 
ATOM   316 C CB  . CYS B 2 18 ? -2.932  -6.797  -3.603  1.00 25.88 ? 18   CYS B CB  1 
ATOM   317 S SG  . CYS B 2 18 ? -1.861  -5.495  -2.909  1.00 24.33 ? 18   CYS B SG  1 
ATOM   318 N N   . PRO B 2 19 ? -4.032  -8.221  -6.675  1.00 29.09 ? 19   PRO B N   1 
ATOM   319 C CA  . PRO B 2 19 ? -4.900  -9.299  -7.205  1.00 30.45 ? 19   PRO B CA  1 
ATOM   320 C C   . PRO B 2 19 ? -5.017  -10.528 -6.282  1.00 31.69 ? 19   PRO B C   1 
ATOM   321 O O   . PRO B 2 19 ? -6.110  -11.106 -6.159  1.00 32.47 ? 19   PRO B O   1 
ATOM   322 C CB  . PRO B 2 19 ? -4.223  -9.678  -8.532  1.00 30.53 ? 19   PRO B CB  1 
ATOM   323 C CG  . PRO B 2 19 ? -2.834  -9.237  -8.397  1.00 30.36 ? 19   PRO B CG  1 
ATOM   324 C CD  . PRO B 2 19 ? -2.877  -7.977  -7.555  1.00 29.10 ? 19   PRO B CD  1 
ATOM   325 N N   . ASN B 2 20 ? -3.922  -10.934 -5.643  1.00 32.49 ? 20   ASN B N   1 
ATOM   326 C CA  . ASN B 2 20 ? -4.006  -12.028 -4.670  1.00 34.04 ? 20   ASN B CA  1 
ATOM   327 C C   . ASN B 2 20 ? -3.486  -11.693 -3.282  1.00 34.20 ? 20   ASN B C   1 
ATOM   328 O O   . ASN B 2 20 ? -2.700  -12.443 -2.687  1.00 33.88 ? 20   ASN B O   1 
ATOM   329 C CB  . ASN B 2 20 ? -3.426  -13.346 -5.198  1.00 34.86 ? 20   ASN B CB  1 
ATOM   330 C CG  . ASN B 2 20 ? -2.266  -13.148 -6.144  1.00 35.79 ? 20   ASN B CG  1 
ATOM   331 O OD1 . ASN B 2 20 ? -1.429  -12.258 -5.958  1.00 38.08 ? 20   ASN B OD1 1 
ATOM   332 N ND2 . ASN B 2 20 ? -2.195  -14.005 -7.165  1.00 36.98 ? 20   ASN B ND2 1 
ATOM   333 N N   . GLY B 2 21 ? -3.947  -10.554 -2.784  1.00 34.86 ? 21   GLY B N   1 
ATOM   334 C CA  . GLY B 2 21 ? -3.811  -10.195 -1.392  1.00 35.73 ? 21   GLY B CA  1 
ATOM   335 C C   . GLY B 2 21 ? -2.469  -9.713  -0.906  1.00 36.66 ? 21   GLY B C   1 
ATOM   336 O O   . GLY B 2 21 ? -1.552  -9.412  -1.688  1.00 35.44 ? 21   GLY B O   1 
ATOM   337 N N   . PHE B 2 22 ? -2.377  -9.647  0.417   1.00 37.47 ? 22   PHE B N   1 
ATOM   338 C CA  . PHE B 2 22 ? -1.214  -9.126  1.114   1.00 39.00 ? 22   PHE B CA  1 
ATOM   339 C C   . PHE B 2 22 ? -1.061  -9.785  2.487   1.00 39.32 ? 22   PHE B C   1 
ATOM   340 O O   . PHE B 2 22 ? -0.366  -9.265  3.361   1.00 40.03 ? 22   PHE B O   1 
ATOM   341 C CB  . PHE B 2 22 ? -1.301  -7.601  1.230   1.00 38.84 ? 22   PHE B CB  1 
ATOM   342 C CG  . PHE B 2 22 ? -2.639  -7.095  1.713   1.00 40.52 ? 22   PHE B CG  1 
ATOM   343 C CD1 . PHE B 2 22 ? -3.734  -7.029  0.850   1.00 41.52 ? 22   PHE B CD1 1 
ATOM   344 C CD2 . PHE B 2 22 ? -2.798  -6.659  3.028   1.00 42.64 ? 22   PHE B CD2 1 
ATOM   345 C CE1 . PHE B 2 22 ? -4.986  -6.551  1.293   1.00 42.94 ? 22   PHE B CE1 1 
ATOM   346 C CE2 . PHE B 2 22 ? -4.045  -6.174  3.488   1.00 43.31 ? 22   PHE B CE2 1 
ATOM   347 C CZ  . PHE B 2 22 ? -5.139  -6.116  2.618   1.00 41.94 ? 22   PHE B CZ  1 
ATOM   348 N N   . ASN B 2 23 ? -1.705  -10.934 2.660   1.00 40.17 ? 23   ASN B N   1 
ATOM   349 C CA  . ASN B 2 23 ? -1.585  -11.754 3.871   1.00 40.51 ? 23   ASN B CA  1 
ATOM   350 C C   . ASN B 2 23 ? -0.469  -11.295 4.817   1.00 40.51 ? 23   ASN B C   1 
ATOM   351 O O   . ASN B 2 23 ? -0.106  -12.002 5.755   1.00 40.01 ? 23   ASN B O   1 
ATOM   352 C CB  . ASN B 2 23 ? -1.375  -13.226 3.498   1.00 41.00 ? 23   ASN B CB  1 
ATOM   353 C CG  . ASN B 2 23 ? -2.544  -13.814 2.715   1.00 41.84 ? 23   ASN B CG  1 
ATOM   354 O OD1 . ASN B 2 23 ? -3.095  -14.852 3.093   1.00 43.83 ? 23   ASN B OD1 1 
ATOM   355 N ND2 . ASN B 2 23 ? -2.914  -13.162 1.611   1.00 43.66 ? 23   ASN B ND2 1 
HETATM 356 O O   . HOH C 3 .  ? 4.100   -4.741  4.324   1.00 40.55 ? 2001 HOH A O   1 
HETATM 357 O O   . HOH C 3 .  ? 10.187  2.696   3.447   1.00 41.01 ? 2002 HOH A O   1 
HETATM 358 O O   . HOH C 3 .  ? 3.991   -1.854  -11.110 1.00 42.99 ? 2003 HOH A O   1 
HETATM 359 O O   . HOH C 3 .  ? 7.248   -4.667  -9.126  1.00 43.78 ? 2004 HOH A O   1 
HETATM 360 O O   . HOH C 3 .  ? 8.245   9.575   0.014   1.00 46.11 ? 2005 HOH A O   1 
HETATM 361 O O   . HOH C 3 .  ? 8.076   4.374   -8.187  1.00 34.54 ? 2006 HOH A O   1 
HETATM 362 O O   . HOH C 3 .  ? 5.177   -2.713  -8.669  1.00 26.69 ? 2007 HOH A O   1 
HETATM 363 O O   . HOH C 3 .  ? 4.058   4.199   -9.976  1.00 26.67 ? 2008 HOH A O   1 
HETATM 364 O O   . HOH C 3 .  ? 3.770   -6.921  -6.780  1.00 47.83 ? 2009 HOH A O   1 
HETATM 365 O O   . HOH C 3 .  ? 2.504   -8.982  1.311   1.00 47.42 ? 2010 HOH A O   1 
HETATM 366 O O   . HOH C 3 .  ? 5.023   -16.105 -6.743  1.00 22.18 ? 2011 HOH A O   1 
HETATM 367 O O   . HOH D 3 .  ? 5.489   8.901   -6.676  1.00 47.27 ? 2001 HOH B O   1 
HETATM 368 O O   . HOH D 3 .  ? 2.868   7.145   -12.752 1.00 38.27 ? 2002 HOH B O   1 
HETATM 369 O O   . HOH D 3 .  ? 2.193   6.832   -8.723  1.00 22.02 ? 2003 HOH B O   1 
HETATM 370 O O   . HOH D 3 .  ? -3.396  10.706  3.774   1.00 35.04 ? 2004 HOH B O   1 
HETATM 371 O O   . HOH D 3 .  ? -1.632  2.632   8.739   1.00 31.39 ? 2005 HOH B O   1 
HETATM 372 O O   . HOH D 3 .  ? -15.839 1.384   0.775   1.00 41.30 ? 2006 HOH B O   1 
HETATM 373 O O   . HOH D 3 .  ? -14.573 1.955   3.239   1.00 47.11 ? 2007 HOH B O   1 
HETATM 374 O O   . HOH D 3 .  ? -11.233 -2.261  -0.593  1.00 35.98 ? 2008 HOH B O   1 
HETATM 375 O O   . HOH D 3 .  ? -6.898  -8.200  -2.090  1.00 41.11 ? 2009 HOH B O   1 
HETATM 376 O O   . HOH D 3 .  ? -9.199  -4.460  3.190   1.00 48.05 ? 2010 HOH B O   1 
HETATM 377 O O   . HOH D 3 .  ? -3.463  -4.015  -9.334  1.00 43.81 ? 2011 HOH B O   1 
HETATM 378 O O   . HOH D 3 .  ? -7.829  -8.096  -6.008  1.00 59.23 ? 2012 HOH B O   1 
# 
